data_6ZHK
#
_entry.id   6ZHK
#
_cell.length_a   61.232
_cell.length_b   61.380
_cell.length_c   63.069
_cell.angle_alpha   106.110
_cell.angle_beta   93.480
_cell.angle_gamma   96.470
#
_symmetry.space_group_name_H-M   'P 1'
#
loop_
_entity.id
_entity.type
_entity.pdbx_description
1 polymer 'Adenosylmethionine-8-amino-7-oxononanoate aminotransferase'
2 non-polymer 'MAGNESIUM ION'
3 water water
#
_entity_poly.entity_id   1
_entity_poly.type   'polypeptide(L)'
_entity_poly.pdbx_seq_one_letter_code
;GHMNKMNIDKNLLEKWDKEYIWHPYTQMKEYRESKNLIIERGEGNYLIDIYGNKYLDAVSSIWCNLFGHSRKEIIEAIKN
QADKICHSTLLGCGNVPSILLAKKLVDITPKHLTKVFYSEDGAEAVEIAIKMAYQYYVLRGDKGRTKFISVKEGYHGDTV
GAMSVGGSELFHGVFKPLLFKGYHANPPYCYRCKYHNFKDTDERNEKGCEMECLNEMISLIEKHAEEVFCVILEGGIMGS
AGMIPYPDGYIEGVAKACKENDVIFILDEVATGFGRTGKMFFCDNEELKKLEKPDILCLGKGLTGGYLPLAATLTTDEIY
NQFLGEFGESKQLYHGHTYTGNQLLCSAALATLEIFEKENVIENIQPKIKLFHKELRKLKELEHVGDVRGRGFMVGIELV
KDKETKEPYPYGYKAGYRVAEKLLEKGIYMRPIGNVIILVPPLSITEKEIIYLCDALYEAIKEADL
;
_entity_poly.pdbx_strand_id   A,B
#
# COMPACT_ATOMS: atom_id res chain seq x y z
N ASP A 9 16.98 23.53 16.49
CA ASP A 9 16.26 22.95 15.37
C ASP A 9 14.82 22.74 15.80
N LYS A 10 14.55 22.53 17.11
CA LYS A 10 13.31 21.92 17.59
C LYS A 10 12.07 22.71 17.13
N ASN A 11 12.15 24.04 17.20
CA ASN A 11 11.02 24.92 16.93
C ASN A 11 10.71 24.88 15.43
N LEU A 12 11.75 24.82 14.60
CA LEU A 12 11.57 24.70 13.17
C LEU A 12 10.95 23.35 12.80
N LEU A 13 11.38 22.25 13.45
CA LEU A 13 10.81 20.92 13.19
C LEU A 13 9.32 20.96 13.47
N GLU A 14 8.93 21.53 14.61
CA GLU A 14 7.51 21.62 15.00
C GLU A 14 6.75 22.42 13.95
N LYS A 15 7.35 23.53 13.49
CA LYS A 15 6.69 24.39 12.55
C LYS A 15 6.52 23.67 11.21
N TRP A 16 7.56 23.00 10.74
CA TRP A 16 7.54 22.33 9.45
C TRP A 16 6.54 21.18 9.50
N ASP A 17 6.49 20.50 10.62
CA ASP A 17 5.54 19.42 10.81
C ASP A 17 4.12 19.93 10.55
N LYS A 18 3.77 21.06 11.17
CA LYS A 18 2.43 21.60 11.08
C LYS A 18 2.24 22.24 9.72
N GLU A 19 3.28 22.79 9.12
CA GLU A 19 3.14 23.51 7.86
C GLU A 19 2.97 22.57 6.67
N TYR A 20 3.70 21.45 6.66
CA TYR A 20 3.88 20.72 5.40
C TYR A 20 3.21 19.36 5.39
N ILE A 21 2.98 18.78 6.56
CA ILE A 21 2.44 17.42 6.56
C ILE A 21 0.93 17.40 6.83
N TRP A 22 0.20 16.79 5.90
CA TRP A 22 -1.19 16.46 6.19
C TRP A 22 -1.18 15.09 6.87
N HIS A 23 -1.41 15.11 8.19
CA HIS A 23 -1.25 13.88 8.97
C HIS A 23 -2.46 12.97 8.75
N PRO A 24 -2.24 11.63 8.86
CA PRO A 24 -3.33 10.66 8.74
C PRO A 24 -4.24 10.77 9.99
N TYR A 25 -5.56 10.56 9.79
CA TYR A 25 -6.56 10.46 10.85
C TYR A 25 -6.40 11.62 11.84
N THR A 26 -6.27 12.86 11.37
CA THR A 26 -5.97 13.91 12.31
C THR A 26 -6.65 15.21 11.86
N GLN A 27 -7.35 15.87 12.78
CA GLN A 27 -7.94 17.17 12.47
C GLN A 27 -6.80 18.18 12.58
N MET A 28 -6.33 18.69 11.43
CA MET A 28 -5.08 19.43 11.39
C MET A 28 -5.23 20.79 12.09
N LYS A 29 -6.45 21.31 12.13
CA LYS A 29 -6.71 22.54 12.90
C LYS A 29 -6.23 22.34 14.33
N GLU A 30 -6.61 21.22 14.95
CA GLU A 30 -6.30 21.00 16.34
C GLU A 30 -4.85 20.60 16.53
N TYR A 31 -4.32 19.81 15.60
CA TYR A 31 -2.94 19.39 15.69
C TYR A 31 -2.04 20.63 15.63
N ARG A 32 -2.39 21.59 14.78
CA ARG A 32 -1.56 22.77 14.64
C ARG A 32 -1.59 23.66 15.89
N GLU A 33 -2.60 23.47 16.75
CA GLU A 33 -2.68 24.27 17.97
C GLU A 33 -1.91 23.62 19.11
N SER A 34 -1.68 22.30 19.03
CA SER A 34 -1.16 21.61 20.21
C SER A 34 0.36 21.39 20.14
N LYS A 35 0.90 20.95 21.29
CA LYS A 35 2.28 20.49 21.36
C LYS A 35 2.25 18.97 21.15
N ASN A 36 2.84 18.52 20.04
CA ASN A 36 2.68 17.13 19.62
C ASN A 36 3.99 16.38 19.80
N LEU A 37 3.92 15.07 20.05
CA LEU A 37 5.12 14.26 20.23
C LEU A 37 5.77 14.14 18.87
N ILE A 38 7.07 14.49 18.80
CA ILE A 38 7.89 14.32 17.60
C ILE A 38 9.00 13.34 17.96
N ILE A 39 8.93 12.13 17.38
CA ILE A 39 9.80 11.07 17.84
C ILE A 39 11.10 11.12 17.06
N GLU A 40 12.22 10.89 17.77
CA GLU A 40 13.57 10.99 17.20
C GLU A 40 14.28 9.66 17.26
N ARG A 41 13.99 8.85 18.28
CA ARG A 41 14.61 7.54 18.33
C ARG A 41 13.75 6.70 19.25
N GLY A 42 14.13 5.45 19.39
CA GLY A 42 13.46 4.50 20.25
C GLY A 42 14.46 3.59 20.97
N GLU A 43 14.07 3.13 22.16
CA GLU A 43 14.88 2.15 22.84
C GLU A 43 13.97 1.21 23.63
N GLY A 44 14.09 -0.10 23.38
CA GLY A 44 13.21 -1.08 24.01
C GLY A 44 11.75 -0.69 23.75
N ASN A 45 10.93 -0.67 24.82
CA ASN A 45 9.52 -0.41 24.65
C ASN A 45 9.17 1.08 24.65
N TYR A 46 10.16 1.95 24.39
CA TYR A 46 9.98 3.38 24.61
C TYR A 46 10.32 4.22 23.37
N LEU A 47 9.41 5.15 23.07
CA LEU A 47 9.60 6.17 22.03
C LEU A 47 10.32 7.34 22.71
N ILE A 48 11.34 7.89 22.03
CA ILE A 48 12.09 9.00 22.60
C ILE A 48 11.89 10.22 21.72
N ASP A 49 11.38 11.31 22.31
CA ASP A 49 11.11 12.50 21.53
C ASP A 49 12.35 13.37 21.36
N ILE A 50 12.16 14.44 20.61
CA ILE A 50 13.23 15.34 20.22
C ILE A 50 13.69 16.15 21.43
N TYR A 51 12.98 16.04 22.57
CA TYR A 51 13.38 16.66 23.85
C TYR A 51 14.14 15.64 24.72
N GLY A 52 14.22 14.40 24.24
CA GLY A 52 14.92 13.36 24.95
C GLY A 52 14.02 12.65 25.96
N ASN A 53 12.73 13.00 26.00
CA ASN A 53 11.76 12.38 26.89
C ASN A 53 11.34 10.99 26.37
N LYS A 54 11.08 10.05 27.28
CA LYS A 54 10.74 8.68 26.92
C LYS A 54 9.27 8.40 27.27
N TYR A 55 8.60 7.66 26.36
CA TYR A 55 7.20 7.31 26.47
C TYR A 55 7.00 5.83 26.19
N LEU A 56 6.40 5.11 27.13
CA LEU A 56 6.11 3.71 26.89
C LEU A 56 5.14 3.61 25.71
N ASP A 57 5.45 2.74 24.75
CA ASP A 57 4.62 2.66 23.55
C ASP A 57 3.44 1.70 23.79
N ALA A 58 2.43 2.20 24.48
CA ALA A 58 1.39 1.36 25.04
C ALA A 58 0.41 0.95 23.94
N VAL A 59 0.51 1.56 22.74
CA VAL A 59 -0.29 1.13 21.59
C VAL A 59 0.57 0.51 20.48
N SER A 60 1.85 0.26 20.77
CA SER A 60 2.75 -0.37 19.82
C SER A 60 2.79 0.37 18.50
N SER A 61 2.88 1.71 18.53
CA SER A 61 2.98 2.47 17.29
C SER A 61 1.83 2.09 16.32
N ILE A 62 0.63 1.96 16.92
CA ILE A 62 -0.62 1.65 16.23
C ILE A 62 -0.58 0.18 15.78
N TRP A 63 -0.22 -0.68 16.75
CA TRP A 63 -0.62 -2.09 16.77
C TRP A 63 0.26 -2.87 15.81
N CYS A 64 1.49 -2.39 15.57
CA CYS A 64 2.46 -3.13 14.76
C CYS A 64 3.75 -3.52 15.50
N ASN A 65 4.14 -2.78 16.54
CA ASN A 65 5.46 -3.02 17.12
C ASN A 65 5.39 -4.26 18.02
N LEU A 66 6.24 -5.26 17.81
CA LEU A 66 6.10 -6.48 18.61
C LEU A 66 7.14 -6.51 19.71
N PHE A 67 8.35 -6.10 19.39
CA PHE A 67 9.49 -6.44 20.25
C PHE A 67 10.28 -5.22 20.70
N GLY A 68 9.69 -4.05 20.57
CA GLY A 68 10.40 -2.83 20.99
C GLY A 68 11.02 -2.15 19.77
N HIS A 69 11.68 -1.01 20.00
CA HIS A 69 12.20 -0.16 18.95
C HIS A 69 13.70 -0.30 18.74
N SER A 70 14.34 -1.28 19.40
CA SER A 70 15.77 -1.44 19.20
C SER A 70 16.13 -2.93 19.20
N ARG A 71 15.34 -3.70 18.48
CA ARG A 71 15.53 -5.14 18.48
C ARG A 71 16.60 -5.49 17.46
N LYS A 72 17.76 -5.99 17.93
CA LYS A 72 18.95 -6.07 17.09
C LYS A 72 18.78 -7.01 15.89
N GLU A 73 18.12 -8.16 16.09
CA GLU A 73 18.05 -9.14 15.01
C GLU A 73 17.34 -8.54 13.78
N ILE A 74 16.30 -7.72 14.04
CA ILE A 74 15.50 -7.21 12.95
C ILE A 74 16.32 -6.10 12.27
N ILE A 75 16.83 -5.17 13.09
CA ILE A 75 17.66 -4.09 12.56
C ILE A 75 18.83 -4.66 11.77
N GLU A 76 19.52 -5.67 12.31
CA GLU A 76 20.65 -6.26 11.60
C GLU A 76 20.24 -6.98 10.31
N ALA A 77 19.07 -7.62 10.29
CA ALA A 77 18.55 -8.26 9.08
C ALA A 77 18.34 -7.24 7.96
N ILE A 78 17.79 -6.10 8.32
CA ILE A 78 17.58 -5.03 7.33
C ILE A 78 18.90 -4.56 6.76
N LYS A 79 19.87 -4.27 7.66
CA LYS A 79 21.15 -3.70 7.22
C LYS A 79 21.91 -4.69 6.35
N ASN A 80 21.98 -5.95 6.78
CA ASN A 80 22.61 -7.01 5.98
C ASN A 80 21.95 -7.19 4.61
N GLN A 81 20.61 -7.13 4.53
CA GLN A 81 19.97 -7.24 3.21
C GLN A 81 20.30 -6.01 2.34
N ALA A 82 20.39 -4.83 2.95
CA ALA A 82 20.62 -3.63 2.15
C ALA A 82 22.01 -3.66 1.49
N ASP A 83 22.98 -4.38 2.10
CA ASP A 83 24.31 -4.60 1.51
C ASP A 83 24.29 -5.60 0.35
N LYS A 84 23.21 -6.37 0.16
CA LYS A 84 23.09 -7.29 -0.95
C LYS A 84 22.28 -6.63 -2.08
N ILE A 85 21.01 -6.35 -1.80
CA ILE A 85 20.11 -5.61 -2.69
C ILE A 85 18.83 -5.26 -1.93
N CYS A 86 18.36 -4.02 -2.15
CA CYS A 86 17.17 -3.55 -1.45
C CYS A 86 15.91 -4.01 -2.18
N HIS A 87 15.92 -3.98 -3.50
CA HIS A 87 14.70 -4.33 -4.20
C HIS A 87 14.98 -4.84 -5.61
N SER A 88 14.46 -6.01 -5.90
CA SER A 88 14.19 -6.38 -7.29
C SER A 88 12.80 -7.02 -7.36
N THR A 89 12.26 -7.15 -8.58
CA THR A 89 10.84 -7.44 -8.79
C THR A 89 10.49 -8.91 -8.50
N LEU A 90 9.22 -9.09 -8.15
CA LEU A 90 8.57 -10.40 -8.24
C LEU A 90 7.65 -10.51 -9.47
N LEU A 91 7.55 -9.47 -10.32
CA LEU A 91 6.73 -9.60 -11.51
C LEU A 91 7.54 -10.44 -12.52
N GLY A 92 7.27 -11.74 -12.56
CA GLY A 92 7.92 -12.64 -13.52
C GLY A 92 9.37 -12.97 -13.15
N CYS A 93 9.83 -12.53 -11.99
CA CYS A 93 11.12 -12.89 -11.41
C CYS A 93 10.91 -13.29 -9.95
N GLY A 94 11.97 -13.79 -9.31
CA GLY A 94 11.93 -14.00 -7.89
C GLY A 94 13.11 -13.34 -7.17
N ASN A 95 13.03 -13.36 -5.82
CA ASN A 95 14.19 -12.92 -5.05
C ASN A 95 14.34 -13.84 -3.85
N VAL A 96 15.56 -13.87 -3.26
CA VAL A 96 15.79 -14.90 -2.25
C VAL A 96 14.96 -14.70 -0.98
N PRO A 97 14.99 -13.52 -0.33
CA PRO A 97 14.29 -13.32 0.93
C PRO A 97 12.79 -13.61 0.82
N SER A 98 12.17 -13.20 -0.30
CA SER A 98 10.74 -13.42 -0.43
C SER A 98 10.45 -14.93 -0.48
N ILE A 99 11.38 -15.73 -1.06
CA ILE A 99 11.15 -17.17 -1.20
C ILE A 99 11.26 -17.79 0.18
N LEU A 100 12.33 -17.45 0.92
CA LEU A 100 12.49 -18.05 2.25
C LEU A 100 11.33 -17.66 3.17
N LEU A 101 10.91 -16.40 3.09
CA LEU A 101 9.80 -15.95 3.90
C LEU A 101 8.49 -16.63 3.49
N ALA A 102 8.28 -16.89 2.18
CA ALA A 102 6.97 -17.45 1.79
C ALA A 102 6.87 -18.86 2.38
N LYS A 103 7.98 -19.62 2.33
CA LYS A 103 7.96 -20.95 2.92
C LYS A 103 7.69 -20.86 4.43
N LYS A 104 8.33 -19.92 5.12
CA LYS A 104 8.10 -19.84 6.56
C LYS A 104 6.64 -19.51 6.86
N LEU A 105 6.05 -18.57 6.12
CA LEU A 105 4.66 -18.16 6.34
C LEU A 105 3.69 -19.32 6.09
N VAL A 106 3.91 -20.13 5.03
CA VAL A 106 3.06 -21.27 4.75
C VAL A 106 3.16 -22.26 5.92
N ASP A 107 4.43 -22.48 6.35
CA ASP A 107 4.71 -23.47 7.40
C ASP A 107 4.13 -23.05 8.74
N ILE A 108 4.09 -21.76 9.10
CA ILE A 108 3.56 -21.43 10.41
C ILE A 108 2.06 -21.21 10.42
N THR A 109 1.43 -21.13 9.24
CA THR A 109 -0.02 -20.90 9.28
C THR A 109 -0.72 -22.23 9.14
N PRO A 110 -2.05 -22.30 9.41
CA PRO A 110 -2.81 -23.52 9.14
C PRO A 110 -2.45 -24.19 7.81
N LYS A 111 -2.62 -25.52 7.88
CA LYS A 111 -2.07 -26.35 6.82
C LYS A 111 -2.80 -26.17 5.50
N HIS A 112 -4.05 -25.68 5.51
CA HIS A 112 -4.76 -25.54 4.24
C HIS A 112 -4.32 -24.24 3.56
N LEU A 113 -3.54 -23.42 4.25
CA LEU A 113 -3.09 -22.15 3.62
C LEU A 113 -1.65 -22.35 3.16
N THR A 114 -1.53 -22.36 1.82
CA THR A 114 -0.39 -22.93 1.13
C THR A 114 0.20 -21.95 0.12
N LYS A 115 -0.42 -20.79 -0.07
CA LYS A 115 0.11 -19.89 -1.11
C LYS A 115 0.17 -18.47 -0.53
N VAL A 116 1.13 -17.66 -1.00
CA VAL A 116 1.42 -16.37 -0.40
C VAL A 116 1.46 -15.33 -1.52
N PHE A 117 0.62 -14.28 -1.41
CA PHE A 117 0.68 -13.17 -2.35
C PHE A 117 1.04 -11.95 -1.50
N TYR A 118 2.16 -11.27 -1.82
CA TYR A 118 2.65 -10.20 -0.97
C TYR A 118 2.11 -8.84 -1.40
N SER A 119 2.05 -7.91 -0.44
CA SER A 119 1.73 -6.51 -0.69
C SER A 119 2.37 -5.71 0.45
N GLU A 120 2.05 -4.42 0.55
CA GLU A 120 2.72 -3.56 1.52
C GLU A 120 1.88 -3.30 2.75
N ASP A 121 0.54 -3.18 2.63
CA ASP A 121 -0.28 -2.71 3.75
C ASP A 121 -1.46 -3.68 3.89
N GLY A 122 -1.99 -3.79 5.11
CA GLY A 122 -3.12 -4.67 5.39
C GLY A 122 -4.35 -4.31 4.54
N ALA A 123 -4.54 -3.01 4.26
CA ALA A 123 -5.68 -2.65 3.42
C ALA A 123 -5.51 -3.28 2.03
N GLU A 124 -4.27 -3.24 1.48
CA GLU A 124 -4.03 -3.83 0.17
C GLU A 124 -4.22 -5.36 0.24
N ALA A 125 -3.82 -5.98 1.35
CA ALA A 125 -3.96 -7.42 1.46
C ALA A 125 -5.45 -7.78 1.37
N VAL A 126 -6.29 -6.96 1.98
CA VAL A 126 -7.74 -7.20 1.94
C VAL A 126 -8.29 -6.91 0.53
N GLU A 127 -7.80 -5.86 -0.17
CA GLU A 127 -8.25 -5.60 -1.53
C GLU A 127 -7.88 -6.77 -2.44
N ILE A 128 -6.75 -7.41 -2.16
CA ILE A 128 -6.31 -8.52 -2.98
C ILE A 128 -7.17 -9.74 -2.67
N ALA A 129 -7.47 -9.94 -1.38
CA ALA A 129 -8.37 -11.01 -0.98
C ALA A 129 -9.72 -10.83 -1.69
N ILE A 130 -10.25 -9.60 -1.66
CA ILE A 130 -11.54 -9.31 -2.30
C ILE A 130 -11.46 -9.75 -3.77
N LYS A 131 -10.40 -9.33 -4.48
CA LYS A 131 -10.31 -9.53 -5.91
C LYS A 131 -10.13 -11.00 -6.23
N MET A 132 -9.37 -11.72 -5.39
CA MET A 132 -9.18 -13.15 -5.60
C MET A 132 -10.52 -13.84 -5.46
N ALA A 133 -11.30 -13.48 -4.43
CA ALA A 133 -12.56 -14.16 -4.11
C ALA A 133 -13.53 -13.90 -5.28
N TYR A 134 -13.56 -12.63 -5.73
CA TYR A 134 -14.48 -12.23 -6.78
C TYR A 134 -14.12 -13.00 -8.06
N GLN A 135 -12.84 -12.94 -8.41
CA GLN A 135 -12.43 -13.52 -9.69
C GLN A 135 -12.43 -15.04 -9.64
N TYR A 136 -12.19 -15.61 -8.45
CA TYR A 136 -12.33 -17.06 -8.32
C TYR A 136 -13.68 -17.52 -8.89
N TYR A 137 -14.77 -16.89 -8.44
CA TYR A 137 -16.08 -17.38 -8.83
C TYR A 137 -16.35 -17.09 -10.30
N VAL A 138 -15.85 -15.96 -10.83
CA VAL A 138 -16.03 -15.77 -12.24
C VAL A 138 -15.36 -16.91 -13.02
N LEU A 139 -14.14 -17.27 -12.62
CA LEU A 139 -13.37 -18.24 -13.36
C LEU A 139 -14.00 -19.61 -13.20
N ARG A 140 -14.58 -19.87 -12.04
CA ARG A 140 -15.16 -21.18 -11.77
C ARG A 140 -16.51 -21.33 -12.49
N GLY A 141 -17.02 -20.25 -13.10
CA GLY A 141 -18.26 -20.34 -13.88
C GLY A 141 -19.50 -19.92 -13.12
N ASP A 142 -19.34 -19.44 -11.89
CA ASP A 142 -20.49 -18.88 -11.17
C ASP A 142 -20.88 -17.51 -11.69
N LYS A 143 -22.21 -17.22 -11.61
CA LYS A 143 -22.80 -15.99 -12.16
C LYS A 143 -23.46 -15.17 -11.04
N GLY A 144 -23.21 -13.87 -11.04
CA GLY A 144 -23.90 -12.97 -10.15
C GLY A 144 -23.38 -12.94 -8.71
N ARG A 145 -22.16 -13.44 -8.46
CA ARG A 145 -21.63 -13.32 -7.10
C ARG A 145 -20.82 -12.03 -6.95
N THR A 146 -21.54 -10.93 -6.70
CA THR A 146 -21.03 -9.58 -6.79
C THR A 146 -21.13 -8.87 -5.45
N LYS A 147 -21.73 -9.52 -4.45
CA LYS A 147 -21.94 -8.89 -3.16
C LYS A 147 -21.11 -9.61 -2.12
N PHE A 148 -21.06 -9.00 -0.93
CA PHE A 148 -20.29 -9.60 0.15
C PHE A 148 -21.12 -9.52 1.41
N ILE A 149 -20.69 -10.25 2.42
CA ILE A 149 -21.26 -10.12 3.74
C ILE A 149 -20.13 -9.76 4.71
N SER A 150 -20.42 -8.80 5.57
CA SER A 150 -19.49 -8.45 6.63
C SER A 150 -20.32 -8.02 7.85
N VAL A 151 -19.71 -7.23 8.75
CA VAL A 151 -20.40 -6.75 9.95
C VAL A 151 -20.30 -5.25 10.08
N LYS A 152 -21.37 -4.68 10.66
CA LYS A 152 -21.34 -3.26 11.02
C LYS A 152 -20.21 -3.02 12.01
N GLU A 153 -19.53 -1.89 11.83
CA GLU A 153 -18.44 -1.44 12.70
C GLU A 153 -17.16 -2.22 12.41
N GLY A 154 -17.16 -3.19 11.51
CA GLY A 154 -15.89 -3.84 11.17
C GLY A 154 -14.97 -2.87 10.39
N TYR A 155 -13.68 -3.16 10.34
CA TYR A 155 -12.75 -2.23 9.72
C TYR A 155 -11.66 -3.06 9.04
N HIS A 156 -11.33 -2.71 7.78
CA HIS A 156 -10.40 -3.46 6.94
C HIS A 156 -9.42 -2.52 6.24
N GLY A 157 -9.51 -1.21 6.54
CA GLY A 157 -8.60 -0.27 5.90
C GLY A 157 -9.38 0.83 5.19
N ASP A 158 -8.63 1.68 4.46
CA ASP A 158 -9.24 2.93 4.00
C ASP A 158 -9.25 3.09 2.48
N THR A 159 -8.68 2.14 1.69
CA THR A 159 -8.87 2.23 0.26
C THR A 159 -10.31 1.81 -0.10
N VAL A 160 -10.72 2.02 -1.35
CA VAL A 160 -12.16 1.93 -1.68
C VAL A 160 -12.70 0.51 -1.46
N GLY A 161 -11.96 -0.50 -1.90
CA GLY A 161 -12.35 -1.88 -1.66
C GLY A 161 -12.43 -2.23 -0.18
N ALA A 162 -11.36 -1.83 0.56
CA ALA A 162 -11.38 -2.07 2.01
C ALA A 162 -12.55 -1.35 2.68
N MET A 163 -12.81 -0.09 2.28
CA MET A 163 -13.91 0.66 2.91
C MET A 163 -15.25 -0.04 2.60
N SER A 164 -15.43 -0.56 1.39
CA SER A 164 -16.73 -1.14 0.94
C SER A 164 -17.09 -2.30 1.87
N VAL A 165 -16.10 -3.11 2.19
CA VAL A 165 -16.41 -4.33 2.94
C VAL A 165 -16.42 -4.07 4.42
N GLY A 166 -15.79 -2.93 4.80
CA GLY A 166 -15.79 -2.53 6.21
C GLY A 166 -17.17 -2.02 6.57
N GLY A 167 -17.36 -1.78 7.86
CA GLY A 167 -18.61 -1.24 8.33
C GLY A 167 -18.39 0.03 9.16
N SER A 168 -17.37 0.85 8.77
CA SER A 168 -16.98 1.96 9.65
C SER A 168 -17.69 3.24 9.19
N GLU A 169 -18.95 3.41 9.66
CA GLU A 169 -19.73 4.52 9.15
C GLU A 169 -19.06 5.88 9.38
N LEU A 170 -18.47 6.11 10.57
CA LEU A 170 -17.93 7.44 10.84
C LEU A 170 -16.79 7.73 9.87
N PHE A 171 -15.85 6.77 9.74
CA PHE A 171 -14.66 7.01 8.91
C PHE A 171 -14.97 7.07 7.41
N HIS A 172 -15.89 6.21 6.95
CA HIS A 172 -16.01 5.97 5.51
C HIS A 172 -17.41 6.28 4.92
N GLY A 173 -18.39 6.62 5.77
CA GLY A 173 -19.79 6.83 5.41
C GLY A 173 -19.96 7.89 4.30
N VAL A 174 -19.20 8.96 4.37
CA VAL A 174 -19.28 9.96 3.30
C VAL A 174 -18.95 9.41 1.90
N PHE A 175 -18.13 8.35 1.82
CA PHE A 175 -17.69 7.81 0.52
C PHE A 175 -18.70 6.83 -0.10
N LYS A 176 -19.90 6.66 0.51
CA LYS A 176 -20.87 5.66 0.07
C LYS A 176 -21.11 5.59 -1.45
N PRO A 177 -21.27 6.71 -2.21
CA PRO A 177 -21.41 6.63 -3.68
C PRO A 177 -20.28 5.91 -4.42
N LEU A 178 -19.11 5.78 -3.80
CA LEU A 178 -17.97 5.15 -4.46
C LEU A 178 -17.80 3.70 -4.03
N LEU A 179 -18.60 3.26 -3.06
CA LEU A 179 -18.36 1.92 -2.51
C LEU A 179 -19.26 0.89 -3.19
N PHE A 180 -18.76 -0.34 -3.32
CA PHE A 180 -19.60 -1.38 -3.88
C PHE A 180 -20.39 -1.96 -2.72
N LYS A 181 -21.60 -2.49 -2.98
CA LYS A 181 -22.55 -2.71 -1.91
C LYS A 181 -22.62 -4.19 -1.51
N GLY A 182 -23.09 -4.44 -0.30
CA GLY A 182 -23.21 -5.81 0.19
C GLY A 182 -24.17 -5.83 1.38
N TYR A 183 -23.96 -6.76 2.32
CA TYR A 183 -24.81 -6.93 3.48
C TYR A 183 -23.98 -6.85 4.75
N HIS A 184 -24.47 -6.15 5.77
CA HIS A 184 -23.68 -6.13 7.00
C HIS A 184 -24.56 -6.65 8.12
N ALA A 185 -24.13 -7.73 8.77
CA ALA A 185 -24.82 -8.19 9.96
C ALA A 185 -24.56 -7.22 11.14
N ASN A 186 -25.36 -7.38 12.21
CA ASN A 186 -25.12 -6.56 13.38
C ASN A 186 -23.82 -7.00 14.05
N PRO A 187 -23.12 -6.05 14.71
CA PRO A 187 -21.83 -6.35 15.31
C PRO A 187 -21.94 -7.66 16.09
N PRO A 188 -20.95 -8.57 15.91
CA PRO A 188 -21.02 -9.91 16.49
C PRO A 188 -21.27 -9.97 18.00
N TYR A 189 -20.87 -8.90 18.73
CA TYR A 189 -21.13 -8.87 20.16
C TYR A 189 -22.64 -8.66 20.36
N GLU A 210 -25.85 -13.84 22.59
CA GLU A 210 -24.85 -13.73 21.48
C GLU A 210 -25.13 -14.78 20.39
N MET A 211 -25.77 -15.91 20.76
CA MET A 211 -26.22 -16.89 19.79
C MET A 211 -27.20 -16.28 18.78
N GLU A 212 -28.04 -15.37 19.27
CA GLU A 212 -28.99 -14.57 18.52
C GLU A 212 -28.27 -13.91 17.34
N CYS A 213 -27.09 -13.36 17.66
CA CYS A 213 -26.28 -12.66 16.68
C CYS A 213 -25.59 -13.65 15.72
N LEU A 214 -25.10 -14.79 16.21
CA LEU A 214 -24.56 -15.79 15.29
C LEU A 214 -25.63 -16.26 14.30
N ASN A 215 -26.82 -16.62 14.83
CA ASN A 215 -27.93 -17.07 14.00
C ASN A 215 -28.29 -16.00 12.95
N GLU A 216 -28.20 -14.72 13.31
CA GLU A 216 -28.53 -13.67 12.37
C GLU A 216 -27.58 -13.74 11.17
N MET A 217 -26.27 -13.92 11.47
CA MET A 217 -25.21 -13.97 10.45
C MET A 217 -25.35 -15.22 9.59
N ILE A 218 -25.61 -16.36 10.23
CA ILE A 218 -25.73 -17.60 9.49
C ILE A 218 -26.90 -17.48 8.52
N SER A 219 -28.01 -16.91 9.01
CA SER A 219 -29.22 -16.71 8.21
C SER A 219 -28.90 -15.84 7.01
N LEU A 220 -28.12 -14.77 7.20
CA LEU A 220 -27.77 -13.93 6.07
C LEU A 220 -26.91 -14.70 5.05
N ILE A 221 -25.93 -15.51 5.52
CA ILE A 221 -25.14 -16.35 4.62
C ILE A 221 -26.04 -17.30 3.84
N GLU A 222 -26.97 -17.95 4.55
CA GLU A 222 -27.87 -18.88 3.88
C GLU A 222 -28.74 -18.14 2.86
N LYS A 223 -29.23 -17.00 3.20
CA LYS A 223 -30.11 -16.25 2.31
C LYS A 223 -29.38 -15.73 1.08
N HIS A 224 -28.13 -15.24 1.23
CA HIS A 224 -27.51 -14.50 0.12
C HIS A 224 -26.34 -15.26 -0.53
N ALA A 225 -26.09 -16.51 -0.11
CA ALA A 225 -24.98 -17.34 -0.54
C ALA A 225 -24.69 -17.27 -2.05
N GLU A 226 -25.73 -17.39 -2.90
CA GLU A 226 -25.46 -17.57 -4.32
C GLU A 226 -25.21 -16.20 -4.96
N GLU A 227 -25.32 -15.12 -4.19
CA GLU A 227 -25.05 -13.79 -4.76
C GLU A 227 -23.82 -13.15 -4.12
N VAL A 228 -23.06 -13.93 -3.36
CA VAL A 228 -22.01 -13.33 -2.52
C VAL A 228 -20.66 -13.98 -2.87
N PHE A 229 -19.59 -13.19 -3.02
CA PHE A 229 -18.25 -13.75 -3.29
C PHE A 229 -17.38 -13.92 -2.04
N CYS A 230 -17.78 -13.31 -0.93
CA CYS A 230 -17.09 -13.63 0.32
C CYS A 230 -17.89 -13.17 1.55
N VAL A 231 -17.51 -13.72 2.72
CA VAL A 231 -17.78 -13.22 4.05
C VAL A 231 -16.41 -12.82 4.60
N ILE A 232 -16.26 -11.63 5.15
CA ILE A 232 -14.98 -11.17 5.67
C ILE A 232 -15.23 -10.65 7.08
N LEU A 233 -14.36 -11.07 8.01
CA LEU A 233 -14.40 -10.66 9.42
C LEU A 233 -12.98 -10.41 9.87
N GLU A 234 -12.84 -9.64 10.97
CA GLU A 234 -11.54 -9.52 11.66
C GLU A 234 -11.23 -10.78 12.50
N GLY A 235 -9.98 -10.94 12.95
CA GLY A 235 -9.52 -12.17 13.60
C GLY A 235 -9.87 -12.23 15.09
N GLY A 236 -11.16 -12.16 15.40
CA GLY A 236 -11.57 -12.55 16.75
C GLY A 236 -11.76 -11.34 17.63
N ILE A 237 -11.35 -10.17 17.10
CA ILE A 237 -11.64 -8.95 17.81
C ILE A 237 -11.75 -7.81 16.80
N MET A 238 -12.69 -6.91 17.05
CA MET A 238 -12.89 -5.74 16.21
C MET A 238 -12.02 -4.59 16.76
N GLY A 239 -10.92 -4.29 16.09
CA GLY A 239 -9.98 -3.32 16.63
C GLY A 239 -10.53 -1.90 16.65
N SER A 240 -10.75 -1.39 15.45
CA SER A 240 -11.11 0.01 15.26
C SER A 240 -12.48 0.30 15.89
N ALA A 241 -13.31 -0.74 16.06
CA ALA A 241 -14.59 -0.53 16.74
C ALA A 241 -14.38 -0.34 18.24
N GLY A 242 -13.17 -0.60 18.77
CA GLY A 242 -12.85 -0.34 20.15
C GLY A 242 -12.43 -1.60 20.92
N MET A 243 -11.70 -2.49 20.23
CA MET A 243 -11.19 -3.73 20.76
C MET A 243 -12.32 -4.55 21.34
N ILE A 244 -13.39 -4.76 20.56
CA ILE A 244 -14.45 -5.61 21.07
C ILE A 244 -14.24 -7.05 20.58
N PRO A 245 -14.14 -8.06 21.47
CA PRO A 245 -13.96 -9.42 21.04
C PRO A 245 -15.25 -9.86 20.33
N TYR A 246 -15.08 -10.75 19.35
CA TYR A 246 -16.18 -11.57 18.89
C TYR A 246 -16.40 -12.62 19.98
N PRO A 247 -17.64 -13.02 20.32
CA PRO A 247 -17.83 -14.09 21.31
C PRO A 247 -17.14 -15.37 20.87
N ASP A 248 -16.75 -16.22 21.83
CA ASP A 248 -16.20 -17.53 21.52
C ASP A 248 -17.25 -18.29 20.71
N GLY A 249 -16.78 -19.01 19.65
CA GLY A 249 -17.69 -19.78 18.81
C GLY A 249 -18.27 -18.99 17.62
N TYR A 250 -18.08 -17.66 17.61
CA TYR A 250 -18.73 -16.89 16.56
C TYR A 250 -18.06 -17.17 15.21
N ILE A 251 -16.73 -16.98 15.16
CA ILE A 251 -15.97 -17.19 13.94
C ILE A 251 -16.10 -18.63 13.47
N GLU A 252 -16.06 -19.60 14.41
CA GLU A 252 -16.22 -20.99 14.04
C GLU A 252 -17.58 -21.24 13.39
N GLY A 253 -18.67 -20.69 13.92
CA GLY A 253 -19.98 -20.94 13.32
C GLY A 253 -20.10 -20.25 11.96
N VAL A 254 -19.49 -19.07 11.82
CA VAL A 254 -19.53 -18.41 10.50
C VAL A 254 -18.73 -19.25 9.49
N ALA A 255 -17.53 -19.65 9.86
CA ALA A 255 -16.74 -20.48 8.97
C ALA A 255 -17.51 -21.73 8.55
N LYS A 256 -18.22 -22.36 9.51
CA LYS A 256 -18.89 -23.60 9.16
C LYS A 256 -20.00 -23.26 8.17
N ALA A 257 -20.70 -22.15 8.40
CA ALA A 257 -21.77 -21.72 7.51
C ALA A 257 -21.21 -21.39 6.12
N CYS A 258 -20.03 -20.76 6.04
CA CYS A 258 -19.41 -20.53 4.74
C CYS A 258 -19.08 -21.85 4.02
N LYS A 259 -18.57 -22.83 4.77
CA LYS A 259 -18.28 -24.13 4.18
C LYS A 259 -19.56 -24.79 3.66
N GLU A 260 -20.63 -24.75 4.47
CA GLU A 260 -21.86 -25.47 4.12
C GLU A 260 -22.59 -24.78 2.98
N ASN A 261 -22.29 -23.50 2.72
CA ASN A 261 -23.04 -22.75 1.73
C ASN A 261 -22.15 -22.30 0.58
N ASP A 262 -20.94 -22.85 0.45
CA ASP A 262 -20.12 -22.62 -0.72
C ASP A 262 -19.78 -21.16 -0.86
N VAL A 263 -19.46 -20.49 0.26
CA VAL A 263 -18.97 -19.12 0.21
C VAL A 263 -17.52 -19.03 0.73
N ILE A 264 -16.65 -18.25 0.06
CA ILE A 264 -15.27 -17.98 0.55
C ILE A 264 -15.34 -17.17 1.85
N PHE A 265 -14.49 -17.61 2.82
CA PHE A 265 -14.40 -16.89 4.09
C PHE A 265 -13.01 -16.26 4.16
N ILE A 266 -12.97 -14.91 4.29
CA ILE A 266 -11.73 -14.18 4.40
C ILE A 266 -11.56 -13.76 5.84
N LEU A 267 -10.42 -14.09 6.45
CA LEU A 267 -10.19 -13.61 7.81
C LEU A 267 -9.07 -12.58 7.76
N ASP A 268 -9.39 -11.36 8.28
CA ASP A 268 -8.41 -10.31 8.30
C ASP A 268 -7.67 -10.34 9.64
N GLU A 269 -6.45 -10.89 9.65
CA GLU A 269 -5.64 -10.91 10.88
C GLU A 269 -4.53 -9.87 10.79
N VAL A 270 -4.81 -8.74 10.11
CA VAL A 270 -3.74 -7.76 9.99
C VAL A 270 -3.28 -7.26 11.37
N ALA A 271 -4.21 -7.08 12.29
CA ALA A 271 -3.88 -6.61 13.63
C ALA A 271 -3.70 -7.80 14.58
N THR A 272 -4.46 -8.90 14.39
CA THR A 272 -4.40 -9.94 15.41
C THR A 272 -3.24 -10.91 15.20
N GLY A 273 -2.66 -10.92 14.01
CA GLY A 273 -1.64 -11.90 13.70
C GLY A 273 -0.34 -11.60 14.42
N PHE A 274 0.43 -12.65 14.65
CA PHE A 274 1.75 -12.57 15.28
C PHE A 274 1.66 -12.29 16.76
N GLY A 275 0.72 -12.96 17.42
CA GLY A 275 0.73 -13.13 18.87
C GLY A 275 -0.14 -12.15 19.68
N ARG A 276 -0.69 -11.05 19.08
CA ARG A 276 -1.34 -10.04 19.91
C ARG A 276 -2.50 -10.59 20.77
N THR A 277 -3.28 -11.57 20.28
CA THR A 277 -4.42 -12.06 21.06
C THR A 277 -4.02 -13.15 22.04
N GLY A 278 -2.77 -13.62 21.98
CA GLY A 278 -2.26 -14.64 22.89
C GLY A 278 -1.92 -15.90 22.13
N LYS A 279 -2.41 -16.03 20.89
CA LYS A 279 -2.02 -17.14 20.03
C LYS A 279 -1.28 -16.56 18.83
N MET A 280 -0.55 -17.39 18.08
CA MET A 280 0.20 -16.87 16.94
C MET A 280 -0.75 -16.20 15.92
N PHE A 281 -1.86 -16.89 15.59
CA PHE A 281 -2.92 -16.38 14.73
C PHE A 281 -4.22 -16.81 15.36
N PHE A 282 -5.24 -15.95 15.26
CA PHE A 282 -6.59 -16.35 15.69
C PHE A 282 -7.00 -17.66 15.03
N CYS A 283 -6.66 -17.80 13.75
CA CYS A 283 -7.07 -19.00 13.01
C CYS A 283 -6.28 -20.27 13.40
N ASP A 284 -5.32 -20.20 14.35
CA ASP A 284 -4.73 -21.37 14.97
C ASP A 284 -5.71 -21.95 15.99
N ASN A 285 -6.76 -22.53 15.47
CA ASN A 285 -7.96 -22.87 16.21
C ASN A 285 -8.30 -24.25 15.68
N GLU A 286 -8.42 -25.24 16.57
CA GLU A 286 -8.58 -26.60 16.05
C GLU A 286 -9.83 -26.72 15.20
N GLU A 287 -10.90 -26.04 15.60
CA GLU A 287 -12.14 -26.16 14.87
C GLU A 287 -11.99 -25.55 13.47
N LEU A 288 -11.41 -24.35 13.40
CA LEU A 288 -11.18 -23.72 12.10
C LEU A 288 -10.25 -24.55 11.24
N LYS A 289 -9.18 -25.09 11.86
CA LYS A 289 -8.29 -25.97 11.12
C LYS A 289 -9.03 -27.17 10.51
N LYS A 290 -9.94 -27.75 11.27
CA LYS A 290 -10.67 -28.92 10.79
C LYS A 290 -11.60 -28.57 9.61
N LEU A 291 -12.17 -27.35 9.61
CA LEU A 291 -13.05 -26.81 8.59
C LEU A 291 -12.26 -26.31 7.40
N GLU A 292 -10.94 -26.25 7.53
CA GLU A 292 -10.09 -25.67 6.50
C GLU A 292 -10.58 -24.25 6.22
N LYS A 293 -10.88 -23.49 7.28
CA LYS A 293 -11.25 -22.09 7.11
C LYS A 293 -10.33 -21.26 7.97
N PRO A 294 -10.03 -19.99 7.62
CA PRO A 294 -10.58 -19.33 6.44
C PRO A 294 -9.93 -19.80 5.14
N ASP A 295 -10.59 -19.48 4.02
CA ASP A 295 -10.05 -19.74 2.70
C ASP A 295 -8.95 -18.76 2.36
N ILE A 296 -9.05 -17.57 2.91
CA ILE A 296 -8.05 -16.55 2.64
C ILE A 296 -7.79 -15.85 3.98
N LEU A 297 -6.52 -15.65 4.31
CA LEU A 297 -6.00 -15.05 5.54
C LEU A 297 -5.21 -13.80 5.13
N CYS A 298 -5.51 -12.63 5.74
CA CYS A 298 -4.77 -11.41 5.47
C CYS A 298 -3.88 -11.09 6.68
N LEU A 299 -2.60 -10.77 6.44
CA LEU A 299 -1.62 -10.44 7.49
C LEU A 299 -0.93 -9.11 7.17
N GLY A 300 -0.41 -8.46 8.21
CA GLY A 300 0.25 -7.18 8.02
C GLY A 300 0.81 -6.75 9.39
N LYS A 301 1.00 -5.44 9.57
CA LYS A 301 1.41 -4.80 10.82
C LYS A 301 2.59 -5.54 11.44
N GLY A 302 2.32 -6.48 12.39
CA GLY A 302 3.39 -7.09 13.16
C GLY A 302 4.30 -8.05 12.37
N LEU A 303 3.90 -8.38 11.13
CA LEU A 303 4.65 -9.21 10.24
C LEU A 303 6.15 -8.87 10.28
N THR A 304 6.53 -7.56 10.22
CA THR A 304 7.93 -7.17 10.19
C THR A 304 8.42 -6.79 11.59
N GLY A 305 7.63 -7.12 12.62
CA GLY A 305 7.91 -6.73 13.99
C GLY A 305 7.63 -5.24 14.21
N GLY A 306 7.09 -4.56 13.20
CA GLY A 306 6.66 -3.19 13.38
C GLY A 306 7.62 -2.24 12.67
N TYR A 307 8.59 -2.78 11.91
CA TYR A 307 9.66 -1.91 11.42
C TYR A 307 9.51 -1.48 9.98
N LEU A 308 8.73 -2.24 9.21
CA LEU A 308 8.54 -1.89 7.79
C LEU A 308 7.13 -2.34 7.34
N PRO A 309 6.63 -1.76 6.24
CA PRO A 309 5.32 -2.12 5.69
C PRO A 309 5.42 -3.37 4.83
N LEU A 310 5.09 -4.52 5.45
CA LEU A 310 4.82 -5.70 4.65
C LEU A 310 3.43 -6.26 4.95
N ALA A 311 2.74 -6.72 3.91
CA ALA A 311 1.53 -7.47 4.16
C ALA A 311 1.51 -8.73 3.28
N ALA A 312 0.63 -9.68 3.63
CA ALA A 312 0.49 -10.88 2.82
C ALA A 312 -0.96 -11.36 2.80
N THR A 313 -1.37 -11.93 1.66
CA THR A 313 -2.67 -12.59 1.60
C THR A 313 -2.40 -14.06 1.31
N LEU A 314 -2.78 -14.93 2.23
CA LEU A 314 -2.54 -16.35 2.03
C LEU A 314 -3.85 -17.04 1.62
N THR A 315 -3.77 -18.02 0.71
CA THR A 315 -4.95 -18.72 0.21
C THR A 315 -4.68 -20.24 0.14
N THR A 316 -5.76 -20.97 -0.10
CA THR A 316 -5.81 -22.39 -0.35
C THR A 316 -5.35 -22.65 -1.77
N ASP A 317 -4.92 -23.88 -2.06
CA ASP A 317 -4.60 -24.19 -3.45
C ASP A 317 -5.87 -24.14 -4.31
N GLU A 318 -7.02 -24.40 -3.68
CA GLU A 318 -8.28 -24.41 -4.43
C GLU A 318 -8.48 -23.05 -5.10
N ILE A 319 -8.22 -22.00 -4.34
CA ILE A 319 -8.42 -20.67 -4.90
C ILE A 319 -7.38 -20.39 -5.97
N TYR A 320 -6.11 -20.64 -5.64
CA TYR A 320 -4.99 -20.38 -6.52
C TYR A 320 -5.19 -21.10 -7.87
N ASN A 321 -5.68 -22.35 -7.79
CA ASN A 321 -5.69 -23.16 -9.00
C ASN A 321 -6.64 -22.65 -10.07
N GLN A 322 -7.71 -21.93 -9.70
CA GLN A 322 -8.65 -21.38 -10.66
C GLN A 322 -7.94 -20.41 -11.59
N PHE A 323 -6.80 -19.82 -11.19
CA PHE A 323 -6.16 -18.79 -12.00
C PHE A 323 -5.05 -19.36 -12.90
N LEU A 324 -4.95 -20.69 -12.93
CA LEU A 324 -3.99 -21.38 -13.80
C LEU A 324 -4.60 -21.58 -15.18
N GLY A 325 -3.74 -21.44 -16.19
CA GLY A 325 -4.11 -21.67 -17.58
C GLY A 325 -3.00 -21.22 -18.54
N GLU A 326 -3.29 -21.19 -19.84
CA GLU A 326 -2.29 -20.74 -20.80
C GLU A 326 -2.30 -19.22 -20.77
N PHE A 327 -1.16 -18.61 -21.10
CA PHE A 327 -1.10 -17.16 -21.02
C PHE A 327 -2.27 -16.50 -21.74
N GLY A 328 -2.58 -16.97 -22.97
CA GLY A 328 -3.54 -16.25 -23.81
C GLY A 328 -4.99 -16.41 -23.33
N GLU A 329 -5.21 -17.31 -22.38
CA GLU A 329 -6.53 -17.40 -21.77
C GLU A 329 -6.77 -16.21 -20.82
N SER A 330 -5.72 -15.49 -20.40
CA SER A 330 -5.87 -14.29 -19.59
C SER A 330 -6.67 -14.57 -18.30
N LYS A 331 -6.29 -15.66 -17.59
CA LYS A 331 -6.90 -16.04 -16.33
C LYS A 331 -6.06 -15.61 -15.11
N GLN A 332 -4.86 -15.09 -15.33
CA GLN A 332 -3.96 -14.73 -14.23
C GLN A 332 -4.54 -13.54 -13.48
N LEU A 333 -4.11 -13.40 -12.20
CA LEU A 333 -4.58 -12.30 -11.38
C LEU A 333 -3.72 -11.09 -11.76
N TYR A 334 -4.33 -10.15 -12.47
CA TYR A 334 -3.55 -9.01 -12.93
C TYR A 334 -3.46 -7.99 -11.80
N HIS A 335 -2.65 -8.29 -10.78
CA HIS A 335 -2.53 -7.43 -9.61
C HIS A 335 -1.07 -7.53 -9.18
N GLY A 336 -0.54 -6.45 -8.66
CA GLY A 336 0.78 -6.51 -8.04
C GLY A 336 1.47 -5.19 -8.19
N HIS A 337 1.71 -4.47 -7.09
CA HIS A 337 2.38 -3.21 -7.34
C HIS A 337 3.89 -3.41 -7.30
N THR A 338 4.59 -2.32 -7.67
CA THR A 338 6.03 -2.25 -7.85
C THR A 338 6.76 -3.06 -6.77
N TYR A 339 6.44 -2.80 -5.51
CA TYR A 339 7.41 -3.21 -4.47
C TYR A 339 6.96 -4.54 -3.90
N THR A 340 6.12 -5.27 -4.65
CA THR A 340 5.67 -6.60 -4.12
C THR A 340 6.90 -7.47 -3.81
N GLY A 341 6.93 -8.09 -2.64
CA GLY A 341 8.06 -8.93 -2.21
C GLY A 341 9.40 -8.22 -2.01
N ASN A 342 9.43 -6.92 -1.72
CA ASN A 342 10.67 -6.17 -1.60
C ASN A 342 11.64 -6.84 -0.57
N GLN A 343 12.93 -6.94 -0.87
CA GLN A 343 13.88 -7.68 -0.04
C GLN A 343 14.04 -7.10 1.38
N LEU A 344 14.14 -5.78 1.51
CA LEU A 344 14.19 -5.19 2.86
C LEU A 344 12.95 -5.55 3.70
N LEU A 345 11.73 -5.46 3.10
CA LEU A 345 10.53 -5.77 3.85
C LEU A 345 10.63 -7.22 4.30
N CYS A 346 11.08 -8.11 3.38
CA CYS A 346 10.98 -9.53 3.72
C CYS A 346 12.09 -9.90 4.71
N SER A 347 13.20 -9.19 4.64
CA SER A 347 14.28 -9.46 5.60
C SER A 347 13.81 -9.16 7.03
N ALA A 348 13.06 -8.04 7.25
CA ALA A 348 12.55 -7.73 8.60
C ALA A 348 11.64 -8.87 9.07
N ALA A 349 10.75 -9.35 8.17
CA ALA A 349 9.82 -10.38 8.58
C ALA A 349 10.54 -11.69 8.92
N LEU A 350 11.56 -12.06 8.12
CA LEU A 350 12.32 -13.26 8.40
C LEU A 350 12.90 -13.20 9.80
N ALA A 351 13.51 -12.04 10.14
CA ALA A 351 14.08 -11.90 11.47
C ALA A 351 12.99 -12.03 12.54
N THR A 352 11.82 -11.41 12.27
CA THR A 352 10.72 -11.46 13.19
C THR A 352 10.34 -12.91 13.49
N LEU A 353 10.14 -13.71 12.44
CA LEU A 353 9.67 -15.06 12.68
C LEU A 353 10.73 -15.85 13.43
N GLU A 354 11.98 -15.56 13.12
CA GLU A 354 13.09 -16.23 13.80
C GLU A 354 13.08 -15.96 15.30
N ILE A 355 12.78 -14.71 15.71
CA ILE A 355 12.60 -14.39 17.12
C ILE A 355 11.47 -15.24 17.71
N PHE A 356 10.35 -15.38 16.98
CA PHE A 356 9.22 -16.16 17.50
C PHE A 356 9.65 -17.56 17.93
N GLU A 357 10.39 -18.21 17.03
CA GLU A 357 10.78 -19.59 17.14
C GLU A 357 11.88 -19.75 18.19
N LYS A 358 12.93 -18.92 18.09
CA LYS A 358 14.10 -19.05 18.94
C LYS A 358 13.83 -18.61 20.39
N GLU A 359 12.86 -17.69 20.65
CA GLU A 359 12.66 -17.23 22.01
C GLU A 359 11.35 -17.74 22.61
N ASN A 360 10.68 -18.64 21.88
CA ASN A 360 9.46 -19.25 22.41
C ASN A 360 8.46 -18.16 22.87
N VAL A 361 8.21 -17.20 21.96
CA VAL A 361 7.44 -16.03 22.31
C VAL A 361 6.02 -16.36 22.80
N ILE A 362 5.30 -17.22 22.07
CA ILE A 362 3.89 -17.42 22.39
C ILE A 362 3.76 -18.08 23.77
N GLU A 363 4.65 -19.03 24.12
CA GLU A 363 4.57 -19.58 25.47
C GLU A 363 4.96 -18.53 26.51
N ASN A 364 5.95 -17.67 26.20
CA ASN A 364 6.52 -16.76 27.21
C ASN A 364 5.60 -15.58 27.49
N ILE A 365 4.69 -15.23 26.55
CA ILE A 365 3.82 -14.10 26.87
C ILE A 365 2.63 -14.52 27.74
N GLN A 366 2.40 -15.82 27.92
CA GLN A 366 1.20 -16.23 28.62
C GLN A 366 1.15 -15.67 30.04
N PRO A 367 2.14 -15.82 30.93
CA PRO A 367 2.00 -15.20 32.26
C PRO A 367 1.90 -13.67 32.20
N LYS A 368 2.45 -13.04 31.15
CA LYS A 368 2.36 -11.59 31.09
C LYS A 368 0.94 -11.13 30.75
N ILE A 369 0.29 -11.86 29.84
CA ILE A 369 -1.11 -11.53 29.56
C ILE A 369 -1.99 -11.75 30.81
N LYS A 370 -1.77 -12.87 31.50
CA LYS A 370 -2.53 -13.15 32.71
C LYS A 370 -2.33 -12.02 33.74
N LEU A 371 -1.09 -11.57 33.89
CA LEU A 371 -0.80 -10.44 34.78
C LEU A 371 -1.51 -9.16 34.34
N PHE A 372 -1.43 -8.86 33.02
CA PHE A 372 -2.11 -7.71 32.46
C PHE A 372 -3.62 -7.72 32.79
N HIS A 373 -4.29 -8.85 32.58
CA HIS A 373 -5.73 -8.86 32.78
C HIS A 373 -6.05 -8.68 34.26
N LYS A 374 -5.22 -9.28 35.13
CA LYS A 374 -5.40 -9.18 36.58
C LYS A 374 -5.23 -7.73 37.03
N GLU A 375 -4.27 -7.01 36.45
CA GLU A 375 -3.97 -5.62 36.78
C GLU A 375 -4.97 -4.60 36.23
N LEU A 376 -5.74 -4.98 35.20
CA LEU A 376 -6.80 -4.15 34.65
C LEU A 376 -8.10 -4.26 35.47
N ARG A 377 -8.22 -5.31 36.30
CA ARG A 377 -9.50 -5.50 36.97
C ARG A 377 -9.93 -4.29 37.79
N LYS A 378 -9.01 -3.63 38.50
CA LYS A 378 -9.34 -2.48 39.35
C LYS A 378 -9.97 -1.33 38.56
N LEU A 379 -9.77 -1.28 37.24
CA LEU A 379 -10.31 -0.15 36.49
C LEU A 379 -11.84 -0.23 36.47
N LYS A 380 -12.34 -1.46 36.63
CA LYS A 380 -13.76 -1.73 36.55
C LYS A 380 -14.51 -0.96 37.65
N GLU A 381 -13.84 -0.67 38.78
CA GLU A 381 -14.46 0.00 39.91
C GLU A 381 -14.66 1.50 39.68
N LEU A 382 -13.88 2.11 38.76
CA LEU A 382 -13.87 3.57 38.64
C LEU A 382 -15.19 4.07 38.08
N GLU A 383 -15.57 5.31 38.46
CA GLU A 383 -16.85 5.90 38.13
C GLU A 383 -17.09 6.01 36.62
N HIS A 384 -16.03 6.28 35.82
CA HIS A 384 -16.30 6.57 34.42
C HIS A 384 -15.86 5.43 33.49
N VAL A 385 -15.63 4.24 34.03
CA VAL A 385 -15.30 3.06 33.21
C VAL A 385 -16.57 2.25 33.00
N GLY A 386 -17.03 2.20 31.74
CA GLY A 386 -18.20 1.40 31.35
C GLY A 386 -17.88 -0.08 31.12
N ASP A 387 -16.70 -0.36 30.55
CA ASP A 387 -16.39 -1.72 30.11
C ASP A 387 -14.90 -1.86 29.94
N VAL A 388 -14.38 -3.00 30.40
CA VAL A 388 -13.02 -3.43 30.15
C VAL A 388 -13.09 -4.76 29.40
N ARG A 389 -12.53 -4.79 28.19
CA ARG A 389 -12.72 -5.96 27.35
C ARG A 389 -11.56 -6.11 26.39
N GLY A 390 -11.40 -7.31 25.83
CA GLY A 390 -10.39 -7.51 24.82
C GLY A 390 -9.97 -8.97 24.75
N ARG A 391 -8.88 -9.23 24.03
CA ARG A 391 -8.27 -10.56 24.01
C ARG A 391 -6.75 -10.40 24.06
N GLY A 392 -6.12 -11.10 25.01
CA GLY A 392 -4.66 -11.03 25.17
C GLY A 392 -4.16 -9.59 25.41
N PHE A 393 -3.27 -9.12 24.50
CA PHE A 393 -2.73 -7.78 24.58
C PHE A 393 -3.50 -6.79 23.68
N MET A 394 -4.80 -7.06 23.40
CA MET A 394 -5.59 -6.07 22.68
C MET A 394 -6.80 -5.79 23.56
N VAL A 395 -6.80 -4.61 24.18
CA VAL A 395 -7.74 -4.31 25.25
C VAL A 395 -8.35 -2.95 24.97
N GLY A 396 -9.65 -2.81 25.23
CA GLY A 396 -10.24 -1.49 25.23
C GLY A 396 -10.85 -1.18 26.61
N ILE A 397 -10.78 0.11 26.98
CA ILE A 397 -11.43 0.59 28.20
C ILE A 397 -12.36 1.71 27.82
N GLU A 398 -13.66 1.39 27.90
CA GLU A 398 -14.73 2.22 27.35
C GLU A 398 -15.18 3.24 28.40
N LEU A 399 -15.05 4.53 28.09
CA LEU A 399 -15.39 5.58 29.06
C LEU A 399 -16.85 5.93 28.93
N VAL A 400 -17.56 6.23 30.04
CA VAL A 400 -18.98 6.56 29.97
C VAL A 400 -19.26 7.67 31.00
N LYS A 401 -20.24 8.50 30.64
CA LYS A 401 -20.69 9.67 31.37
C LYS A 401 -21.44 9.18 32.61
N ASP A 402 -22.21 8.09 32.44
CA ASP A 402 -22.99 7.51 33.52
C ASP A 402 -22.86 5.99 33.49
N LYS A 403 -22.32 5.41 34.56
CA LYS A 403 -22.15 3.97 34.61
C LYS A 403 -23.50 3.26 34.65
N GLU A 404 -24.51 3.90 35.25
CA GLU A 404 -25.81 3.29 35.37
C GLU A 404 -26.46 3.17 33.99
N THR A 405 -26.49 4.30 33.25
CA THR A 405 -27.11 4.36 31.94
C THR A 405 -26.21 3.74 30.85
N LYS A 406 -24.89 3.90 31.01
CA LYS A 406 -23.90 3.51 30.00
C LYS A 406 -23.84 4.58 28.90
N GLU A 407 -24.38 5.76 29.20
CA GLU A 407 -24.44 6.86 28.24
C GLU A 407 -23.03 7.31 27.86
N PRO A 408 -22.71 7.42 26.55
CA PRO A 408 -21.44 7.99 26.10
C PRO A 408 -21.20 9.50 26.28
N TYR A 409 -19.92 9.87 26.30
CA TYR A 409 -19.52 11.24 26.09
C TYR A 409 -19.73 11.56 24.61
N PRO A 410 -20.16 12.79 24.28
CA PRO A 410 -20.26 13.23 22.89
C PRO A 410 -18.95 13.07 22.13
N TYR A 411 -19.02 12.87 20.83
CA TYR A 411 -17.79 12.72 20.05
C TYR A 411 -16.85 13.89 20.32
N GLY A 412 -17.41 15.10 20.33
CA GLY A 412 -16.61 16.31 20.36
C GLY A 412 -15.88 16.50 21.68
N TYR A 413 -16.23 15.67 22.68
CA TYR A 413 -15.69 15.82 24.03
C TYR A 413 -14.29 15.21 24.13
N LYS A 414 -13.98 14.26 23.22
CA LYS A 414 -12.64 13.66 23.18
C LYS A 414 -12.27 13.05 24.54
N ALA A 415 -13.20 12.28 25.12
CA ALA A 415 -12.90 11.78 26.46
C ALA A 415 -11.64 10.91 26.51
N GLY A 416 -11.48 9.99 25.54
CA GLY A 416 -10.24 9.23 25.53
C GLY A 416 -8.97 10.07 25.41
N TYR A 417 -8.95 11.12 24.58
CA TYR A 417 -7.79 12.02 24.49
C TYR A 417 -7.55 12.76 25.83
N ARG A 418 -8.61 13.02 26.58
CA ARG A 418 -8.37 13.61 27.91
C ARG A 418 -7.54 12.67 28.79
N VAL A 419 -7.88 11.38 28.74
CA VAL A 419 -7.12 10.37 29.43
C VAL A 419 -5.71 10.27 28.85
N ALA A 420 -5.58 10.26 27.51
CA ALA A 420 -4.26 10.20 26.87
C ALA A 420 -3.33 11.33 27.37
N GLU A 421 -3.89 12.54 27.58
CA GLU A 421 -3.08 13.69 28.02
C GLU A 421 -2.42 13.42 29.37
N LYS A 422 -3.20 12.87 30.31
CA LYS A 422 -2.69 12.51 31.63
C LYS A 422 -1.70 11.38 31.56
N LEU A 423 -1.94 10.41 30.66
CA LEU A 423 -0.99 9.32 30.52
C LEU A 423 0.32 9.85 29.96
N LEU A 424 0.27 10.85 29.07
CA LEU A 424 1.50 11.35 28.49
C LEU A 424 2.37 11.99 29.58
N GLU A 425 1.73 12.67 30.54
CA GLU A 425 2.46 13.24 31.68
C GLU A 425 3.17 12.15 32.50
N LYS A 426 2.61 10.93 32.50
CA LYS A 426 3.17 9.81 33.26
C LYS A 426 4.12 9.00 32.38
N GLY A 427 4.52 9.52 31.22
CA GLY A 427 5.55 8.82 30.43
C GLY A 427 4.96 7.65 29.63
N ILE A 428 3.67 7.74 29.24
CA ILE A 428 3.02 6.69 28.47
C ILE A 428 2.30 7.30 27.27
N TYR A 429 2.46 6.65 26.09
CA TYR A 429 1.83 7.09 24.86
C TYR A 429 0.67 6.12 24.63
N MET A 430 -0.54 6.66 24.59
CA MET A 430 -1.71 5.88 24.27
C MET A 430 -2.55 6.68 23.28
N ARG A 431 -2.97 6.04 22.15
CA ARG A 431 -3.92 6.66 21.23
C ARG A 431 -5.29 6.02 21.41
N PRO A 432 -6.36 6.79 21.74
CA PRO A 432 -7.68 6.22 21.93
C PRO A 432 -8.46 6.21 20.63
N ILE A 433 -9.61 5.53 20.64
CA ILE A 433 -10.57 5.73 19.57
C ILE A 433 -11.87 6.17 20.23
N GLY A 434 -12.27 7.44 19.98
CA GLY A 434 -13.40 8.08 20.66
C GLY A 434 -13.37 7.85 22.17
N ASN A 435 -14.38 7.17 22.71
CA ASN A 435 -14.44 7.03 24.17
C ASN A 435 -13.68 5.80 24.65
N VAL A 436 -12.98 5.09 23.76
CA VAL A 436 -12.32 3.87 24.15
C VAL A 436 -10.82 4.13 24.27
N ILE A 437 -10.30 3.90 25.49
CA ILE A 437 -8.86 3.85 25.71
C ILE A 437 -8.40 2.56 25.06
N ILE A 438 -7.32 2.63 24.25
CA ILE A 438 -6.83 1.44 23.59
C ILE A 438 -5.47 1.09 24.22
N LEU A 439 -5.29 -0.17 24.61
CA LEU A 439 -3.99 -0.70 25.02
C LEU A 439 -3.64 -1.87 24.11
N VAL A 440 -2.59 -1.67 23.31
CA VAL A 440 -2.05 -2.77 22.50
C VAL A 440 -0.54 -2.73 22.71
N PRO A 441 -0.07 -3.25 23.86
CA PRO A 441 1.34 -3.12 24.23
C PRO A 441 2.17 -4.12 23.42
N PRO A 442 3.50 -3.87 23.26
CA PRO A 442 4.36 -4.81 22.55
C PRO A 442 4.37 -6.13 23.30
N LEU A 443 4.66 -7.22 22.59
CA LEU A 443 4.81 -8.52 23.21
C LEU A 443 5.99 -8.50 24.18
N SER A 444 6.90 -7.53 23.98
CA SER A 444 8.08 -7.39 24.83
C SER A 444 7.84 -6.59 26.11
N ILE A 445 6.60 -6.11 26.36
CA ILE A 445 6.30 -5.32 27.54
C ILE A 445 6.68 -6.13 28.78
N THR A 446 7.36 -5.49 29.76
CA THR A 446 7.79 -6.25 30.92
C THR A 446 6.68 -6.29 31.97
N GLU A 447 6.83 -7.23 32.93
CA GLU A 447 5.83 -7.28 33.98
C GLU A 447 5.82 -5.96 34.76
N LYS A 448 7.01 -5.39 34.99
CA LYS A 448 7.06 -4.12 35.70
C LYS A 448 6.36 -3.02 34.91
N GLU A 449 6.52 -3.04 33.57
CA GLU A 449 5.91 -2.03 32.74
C GLU A 449 4.38 -2.21 32.71
N ILE A 450 3.95 -3.48 32.77
CA ILE A 450 2.53 -3.73 32.79
C ILE A 450 1.92 -3.14 34.07
N ILE A 451 2.59 -3.33 35.22
CA ILE A 451 2.01 -2.91 36.51
C ILE A 451 2.01 -1.38 36.53
N TYR A 452 3.10 -0.80 36.05
CA TYR A 452 3.19 0.65 35.91
C TYR A 452 2.04 1.18 35.08
N LEU A 453 1.85 0.61 33.89
CA LEU A 453 0.84 1.06 32.94
C LEU A 453 -0.57 1.04 33.52
N CYS A 454 -0.93 -0.04 34.19
CA CYS A 454 -2.29 -0.16 34.72
C CYS A 454 -2.53 0.76 35.92
N ASP A 455 -1.50 0.92 36.79
CA ASP A 455 -1.59 1.89 37.89
C ASP A 455 -1.67 3.30 37.32
N ALA A 456 -0.90 3.61 36.27
CA ALA A 456 -1.00 4.96 35.71
C ALA A 456 -2.35 5.19 35.04
N LEU A 457 -2.92 4.14 34.43
CA LEU A 457 -4.21 4.34 33.78
C LEU A 457 -5.31 4.61 34.82
N TYR A 458 -5.24 3.88 35.92
CA TYR A 458 -6.14 4.07 37.05
C TYR A 458 -6.13 5.54 37.52
N GLU A 459 -4.96 6.10 37.76
CA GLU A 459 -4.79 7.48 38.17
C GLU A 459 -5.17 8.44 37.04
N ALA A 460 -4.84 8.10 35.78
CA ALA A 460 -5.10 9.02 34.68
C ALA A 460 -6.61 9.22 34.51
N ILE A 461 -7.35 8.12 34.70
CA ILE A 461 -8.78 8.16 34.50
C ILE A 461 -9.37 9.00 35.62
N LYS A 462 -8.80 8.89 36.83
CA LYS A 462 -9.25 9.69 37.98
C LYS A 462 -8.93 11.17 37.83
N GLU A 463 -7.80 11.48 37.18
CA GLU A 463 -7.34 12.86 37.05
C GLU A 463 -8.02 13.58 35.89
N ALA A 464 -8.46 12.80 34.89
CA ALA A 464 -9.03 13.42 33.70
C ALA A 464 -10.34 14.10 34.07
N ASP A 465 -10.73 15.07 33.25
CA ASP A 465 -11.97 15.81 33.42
C ASP A 465 -13.14 15.02 32.80
N LEU A 466 -13.68 14.08 33.59
CA LEU A 466 -14.68 13.18 33.09
C LEU A 466 -15.97 13.32 33.91
N ASP B 9 20.71 -23.71 -1.58
CA ASP B 9 20.58 -24.78 -2.60
C ASP B 9 19.67 -24.29 -3.73
N LYS B 10 20.24 -24.14 -4.94
CA LYS B 10 19.58 -23.35 -5.99
C LYS B 10 18.28 -24.02 -6.44
N ASN B 11 18.28 -25.35 -6.49
CA ASN B 11 17.17 -26.14 -6.99
C ASN B 11 16.03 -26.06 -5.97
N LEU B 12 16.38 -26.05 -4.67
CA LEU B 12 15.36 -25.86 -3.65
C LEU B 12 14.71 -24.47 -3.72
N LEU B 13 15.53 -23.42 -3.94
CA LEU B 13 14.98 -22.05 -4.03
C LEU B 13 13.97 -22.00 -5.16
N GLU B 14 14.35 -22.56 -6.34
CA GLU B 14 13.47 -22.57 -7.50
CA GLU B 14 13.48 -22.56 -7.51
C GLU B 14 12.17 -23.28 -7.15
N LYS B 15 12.29 -24.42 -6.46
CA LYS B 15 11.10 -25.21 -6.16
C LYS B 15 10.21 -24.45 -5.17
N TRP B 16 10.82 -23.85 -4.13
CA TRP B 16 10.03 -23.16 -3.10
C TRP B 16 9.33 -21.95 -3.72
N ASP B 17 10.04 -21.26 -4.61
CA ASP B 17 9.47 -20.11 -5.30
C ASP B 17 8.17 -20.52 -6.02
N LYS B 18 8.21 -21.64 -6.74
CA LYS B 18 7.06 -22.06 -7.53
C LYS B 18 5.99 -22.67 -6.63
N GLU B 19 6.37 -23.28 -5.52
CA GLU B 19 5.39 -23.93 -4.65
C GLU B 19 4.62 -22.90 -3.80
N TYR B 20 5.32 -21.85 -3.32
CA TYR B 20 4.76 -21.06 -2.22
C TYR B 20 4.34 -19.65 -2.62
N ILE B 21 4.94 -19.10 -3.66
CA ILE B 21 4.60 -17.69 -3.94
C ILE B 21 3.65 -17.60 -5.13
N TRP B 22 2.53 -16.90 -4.92
CA TRP B 22 1.67 -16.46 -6.00
C TRP B 22 2.19 -15.10 -6.48
N HIS B 23 2.85 -15.10 -7.62
CA HIS B 23 3.54 -13.91 -8.09
C HIS B 23 2.56 -12.90 -8.65
N PRO B 24 2.90 -11.60 -8.54
CA PRO B 24 2.10 -10.54 -9.14
C PRO B 24 2.18 -10.60 -10.68
N TYR B 25 1.03 -10.31 -11.34
CA TYR B 25 0.94 -10.13 -12.80
C TYR B 25 1.59 -11.30 -13.52
N THR B 26 1.29 -12.55 -13.11
CA THR B 26 2.04 -13.67 -13.66
C THR B 26 1.10 -14.88 -13.80
N GLN B 27 1.10 -15.49 -14.99
CA GLN B 27 0.36 -16.74 -15.15
C GLN B 27 1.23 -17.84 -14.55
N MET B 28 0.81 -18.35 -13.40
CA MET B 28 1.65 -19.21 -12.57
C MET B 28 1.86 -20.58 -13.25
N LYS B 29 0.93 -20.97 -14.11
CA LYS B 29 1.11 -22.22 -14.82
C LYS B 29 2.36 -22.14 -15.68
N GLU B 30 2.56 -21.01 -16.37
CA GLU B 30 3.72 -20.85 -17.22
C GLU B 30 4.98 -20.58 -16.42
N TYR B 31 4.85 -19.79 -15.34
CA TYR B 31 6.01 -19.46 -14.53
C TYR B 31 6.56 -20.76 -13.96
N ARG B 32 5.67 -21.68 -13.57
CA ARG B 32 6.16 -22.90 -12.95
C ARG B 32 6.85 -23.83 -13.94
N GLU B 33 6.63 -23.60 -15.24
CA GLU B 33 7.27 -24.43 -16.25
C GLU B 33 8.62 -23.86 -16.63
N SER B 34 8.85 -22.55 -16.41
CA SER B 34 10.04 -21.95 -16.97
C SER B 34 11.18 -21.82 -15.94
N LYS B 35 12.38 -21.50 -16.45
CA LYS B 35 13.53 -21.13 -15.64
C LYS B 35 13.49 -19.61 -15.52
N ASN B 36 13.19 -19.14 -14.31
CA ASN B 36 12.98 -17.73 -14.03
C ASN B 36 14.22 -17.15 -13.35
N LEU B 37 14.47 -15.84 -13.51
CA LEU B 37 15.56 -15.18 -12.81
C LEU B 37 15.21 -15.15 -11.33
N ILE B 38 16.13 -15.61 -10.47
CA ILE B 38 16.00 -15.43 -9.03
C ILE B 38 17.15 -14.55 -8.58
N ILE B 39 16.84 -13.33 -8.13
CA ILE B 39 17.91 -12.39 -7.90
C ILE B 39 18.43 -12.52 -6.46
N GLU B 40 19.76 -12.44 -6.31
CA GLU B 40 20.43 -12.59 -5.02
C GLU B 40 21.10 -11.30 -4.59
N ARG B 41 21.60 -10.52 -5.56
CA ARG B 41 22.25 -9.30 -5.17
C ARG B 41 22.25 -8.41 -6.40
N GLY B 42 22.81 -7.24 -6.25
CA GLY B 42 22.81 -6.20 -7.25
C GLY B 42 24.07 -5.35 -7.12
N GLU B 43 24.58 -4.90 -8.27
CA GLU B 43 25.70 -4.01 -8.27
C GLU B 43 25.56 -3.04 -9.41
N GLY B 44 25.60 -1.75 -9.10
CA GLY B 44 25.44 -0.74 -10.12
C GLY B 44 24.12 -0.96 -10.87
N ASN B 45 24.21 -0.97 -12.20
CA ASN B 45 23.00 -1.11 -13.01
C ASN B 45 22.60 -2.56 -13.27
N TYR B 46 23.14 -3.49 -12.47
CA TYR B 46 23.04 -4.91 -12.76
C TYR B 46 22.37 -5.69 -11.63
N LEU B 47 21.41 -6.54 -12.02
CA LEU B 47 20.84 -7.56 -11.16
C LEU B 47 21.74 -8.78 -11.25
N ILE B 48 21.98 -9.41 -10.10
CA ILE B 48 22.82 -10.59 -10.09
C ILE B 48 22.00 -11.77 -9.60
N ASP B 49 21.94 -12.86 -10.39
CA ASP B 49 21.11 -13.97 -9.99
C ASP B 49 21.88 -14.96 -9.13
N ILE B 50 21.17 -16.03 -8.73
CA ILE B 50 21.69 -16.96 -7.76
C ILE B 50 22.77 -17.83 -8.43
N TYR B 51 22.94 -17.68 -9.74
CA TYR B 51 23.99 -18.40 -10.50
C TYR B 51 25.21 -17.48 -10.66
N GLY B 52 25.06 -16.23 -10.21
CA GLY B 52 26.14 -15.25 -10.31
C GLY B 52 26.14 -14.51 -11.64
N ASN B 53 25.12 -14.75 -12.48
CA ASN B 53 25.01 -14.07 -13.77
C ASN B 53 24.50 -12.62 -13.59
N LYS B 54 24.99 -11.71 -14.44
CA LYS B 54 24.61 -10.31 -14.34
C LYS B 54 23.71 -9.88 -15.50
N TYR B 55 22.68 -9.08 -15.18
CA TYR B 55 21.72 -8.58 -16.15
C TYR B 55 21.57 -7.08 -15.97
N LEU B 56 21.74 -6.36 -17.08
CA LEU B 56 21.44 -4.95 -17.06
C LEU B 56 19.95 -4.76 -16.73
N ASP B 57 19.64 -3.85 -15.82
CA ASP B 57 18.26 -3.67 -15.36
C ASP B 57 17.55 -2.64 -16.28
N ALA B 58 17.19 -3.07 -17.47
CA ALA B 58 16.78 -2.18 -18.55
C ALA B 58 15.37 -1.64 -18.32
N VAL B 59 14.64 -2.19 -17.34
CA VAL B 59 13.33 -1.65 -16.96
C VAL B 59 13.35 -1.10 -15.52
N SER B 60 14.56 -0.98 -14.92
CA SER B 60 14.69 -0.40 -13.59
C SER B 60 13.79 -1.08 -12.57
N SER B 61 13.78 -2.41 -12.56
CA SER B 61 13.02 -3.15 -11.56
C SER B 61 11.57 -2.68 -11.56
N ILE B 62 11.05 -2.49 -12.79
CA ILE B 62 9.68 -2.02 -13.02
C ILE B 62 9.56 -0.55 -12.58
N TRP B 63 10.48 0.25 -13.12
CA TRP B 63 10.29 1.69 -13.31
C TRP B 63 10.48 2.45 -11.99
N CYS B 64 11.24 1.86 -11.06
CA CYS B 64 11.50 2.53 -9.78
C CYS B 64 12.98 2.82 -9.50
N ASN B 65 13.89 2.07 -10.11
CA ASN B 65 15.28 2.16 -9.68
C ASN B 65 15.90 3.36 -10.41
N LEU B 66 16.52 4.28 -9.69
CA LEU B 66 17.01 5.48 -10.35
C LEU B 66 18.51 5.37 -10.52
N PHE B 67 19.21 4.85 -9.52
CA PHE B 67 20.66 5.04 -9.51
C PHE B 67 21.42 3.72 -9.39
N GLY B 68 20.79 2.62 -9.70
CA GLY B 68 21.45 1.33 -9.56
C GLY B 68 21.16 0.67 -8.22
N HIS B 69 21.72 -0.53 -7.99
CA HIS B 69 21.37 -1.38 -6.85
C HIS B 69 22.42 -1.34 -5.74
N SER B 70 23.43 -0.44 -5.85
CA SER B 70 24.44 -0.39 -4.79
C SER B 70 24.83 1.06 -4.52
N ARG B 71 23.80 1.91 -4.43
CA ARG B 71 24.07 3.32 -4.25
C ARG B 71 24.24 3.62 -2.76
N LYS B 72 25.46 4.01 -2.36
CA LYS B 72 25.87 4.00 -0.97
C LYS B 72 25.07 4.99 -0.14
N GLU B 73 24.76 6.18 -0.69
CA GLU B 73 24.13 7.19 0.15
C GLU B 73 22.76 6.69 0.64
N ILE B 74 22.03 5.97 -0.21
CA ILE B 74 20.67 5.57 0.13
C ILE B 74 20.80 4.38 1.10
N ILE B 75 21.69 3.42 0.77
CA ILE B 75 21.90 2.28 1.68
C ILE B 75 22.33 2.81 3.07
N GLU B 76 23.29 3.73 3.09
CA GLU B 76 23.76 4.21 4.41
C GLU B 76 22.66 5.01 5.17
N ALA B 77 21.83 5.76 4.47
CA ALA B 77 20.75 6.50 5.12
C ALA B 77 19.77 5.52 5.80
N ILE B 78 19.45 4.41 5.13
CA ILE B 78 18.55 3.40 5.71
C ILE B 78 19.17 2.81 6.96
N LYS B 79 20.44 2.37 6.83
CA LYS B 79 21.08 1.71 7.97
C LYS B 79 21.21 2.66 9.16
N ASN B 80 21.66 3.90 8.92
CA ASN B 80 21.75 4.92 9.97
C ASN B 80 20.40 5.21 10.63
N GLN B 81 19.30 5.26 9.85
CA GLN B 81 18.01 5.48 10.45
C GLN B 81 17.59 4.27 11.31
N ALA B 82 17.89 3.06 10.86
CA ALA B 82 17.46 1.86 11.58
C ALA B 82 18.13 1.79 12.97
N ASP B 83 19.33 2.39 13.12
CA ASP B 83 20.02 2.53 14.41
C ASP B 83 19.34 3.54 15.34
N LYS B 84 18.48 4.44 14.81
CA LYS B 84 17.73 5.37 15.66
C LYS B 84 16.34 4.83 15.98
N ILE B 85 15.52 4.63 14.93
CA ILE B 85 14.19 4.07 15.05
C ILE B 85 13.65 3.81 13.64
N CYS B 86 13.06 2.64 13.47
CA CYS B 86 12.60 2.22 12.14
C CYS B 86 11.20 2.76 11.91
N HIS B 87 10.35 2.71 12.93
CA HIS B 87 9.01 3.23 12.71
C HIS B 87 8.38 3.77 14.00
N SER B 88 7.83 4.98 13.88
CA SER B 88 6.81 5.46 14.84
C SER B 88 5.76 6.26 14.06
N THR B 89 4.59 6.49 14.68
CA THR B 89 3.39 6.85 13.92
C THR B 89 3.39 8.32 13.48
N LEU B 90 2.63 8.58 12.39
CA LEU B 90 2.16 9.94 12.07
C LEU B 90 0.70 10.19 12.50
N LEU B 91 0.03 9.19 13.09
CA LEU B 91 -1.34 9.41 13.55
C LEU B 91 -1.25 10.23 14.85
N GLY B 92 -1.40 11.56 14.75
CA GLY B 92 -1.44 12.42 15.94
C GLY B 92 -0.05 12.63 16.55
N CYS B 93 1.01 12.13 15.87
CA CYS B 93 2.40 12.36 16.26
C CYS B 93 3.19 12.68 15.00
N GLY B 94 4.45 13.07 15.20
CA GLY B 94 5.36 13.41 14.13
C GLY B 94 6.63 12.57 14.25
N ASN B 95 7.44 12.54 13.19
CA ASN B 95 8.75 11.92 13.31
C ASN B 95 9.75 12.74 12.51
N VAL B 96 11.06 12.69 12.89
CA VAL B 96 11.98 13.66 12.24
C VAL B 96 12.12 13.50 10.72
N PRO B 97 12.44 12.30 10.21
CA PRO B 97 12.67 12.14 8.77
C PRO B 97 11.45 12.54 7.91
N SER B 98 10.23 12.20 8.39
CA SER B 98 9.05 12.55 7.57
C SER B 98 8.91 14.08 7.48
N ILE B 99 9.34 14.81 8.52
CA ILE B 99 9.20 16.27 8.53
C ILE B 99 10.21 16.87 7.55
N LEU B 100 11.48 16.42 7.64
CA LEU B 100 12.48 16.94 6.74
C LEU B 100 12.13 16.63 5.28
N LEU B 101 11.66 15.42 5.04
CA LEU B 101 11.30 15.06 3.68
C LEU B 101 10.09 15.88 3.18
N ALA B 102 9.12 16.19 4.07
CA ALA B 102 7.93 16.89 3.56
C ALA B 102 8.33 18.29 3.11
N LYS B 103 9.23 18.92 3.86
CA LYS B 103 9.69 20.24 3.46
C LYS B 103 10.41 20.14 2.10
N LYS B 104 11.29 19.15 1.95
CA LYS B 104 11.99 19.01 0.68
C LYS B 104 11.02 18.81 -0.50
N LEU B 105 10.03 17.93 -0.32
CA LEU B 105 9.02 17.68 -1.36
C LEU B 105 8.21 18.91 -1.76
N VAL B 106 7.75 19.72 -0.79
CA VAL B 106 7.03 20.94 -1.09
C VAL B 106 7.97 21.88 -1.87
N ASP B 107 9.23 21.96 -1.41
CA ASP B 107 10.21 22.88 -2.03
C ASP B 107 10.61 22.49 -3.45
N ILE B 108 10.66 21.20 -3.78
CA ILE B 108 11.05 20.87 -5.14
C ILE B 108 9.87 20.78 -6.11
N THR B 109 8.64 20.83 -5.61
CA THR B 109 7.53 20.76 -6.53
C THR B 109 7.00 22.15 -6.81
N PRO B 110 6.12 22.32 -7.82
CA PRO B 110 5.45 23.59 -8.06
C PRO B 110 4.95 24.24 -6.78
N LYS B 111 4.95 25.59 -6.91
CA LYS B 111 4.75 26.44 -5.75
C LYS B 111 3.35 26.32 -5.20
N HIS B 112 2.35 25.86 -6.01
CA HIS B 112 0.99 25.77 -5.48
C HIS B 112 0.81 24.45 -4.73
N LEU B 113 1.79 23.57 -4.81
CA LEU B 113 1.70 22.31 -4.05
C LEU B 113 2.51 22.41 -2.75
N THR B 114 1.76 22.42 -1.64
CA THR B 114 2.23 22.91 -0.37
C THR B 114 1.94 21.92 0.75
N LYS B 115 1.24 20.84 0.48
CA LYS B 115 0.93 19.90 1.57
C LYS B 115 1.26 18.47 1.13
N VAL B 116 1.69 17.62 2.09
CA VAL B 116 2.18 16.29 1.79
C VAL B 116 1.41 15.27 2.62
N PHE B 117 0.74 14.29 1.97
CA PHE B 117 0.11 13.19 2.69
C PHE B 117 0.84 11.94 2.24
N TYR B 118 1.42 11.18 3.17
CA TYR B 118 2.26 10.04 2.74
C TYR B 118 1.44 8.76 2.66
N SER B 119 1.94 7.82 1.85
CA SER B 119 1.45 6.44 1.80
C SER B 119 2.59 5.56 1.32
N GLU B 120 2.31 4.29 0.98
CA GLU B 120 3.38 3.38 0.62
C GLU B 120 3.48 3.12 -0.86
N ASP B 121 2.36 3.11 -1.61
CA ASP B 121 2.37 2.65 -3.00
C ASP B 121 1.65 3.72 -3.84
N GLY B 122 2.03 3.81 -5.13
CA GLY B 122 1.40 4.73 -6.05
C GLY B 122 -0.13 4.55 -6.13
N ALA B 123 -0.59 3.29 -6.05
CA ALA B 123 -2.03 3.06 -6.10
C ALA B 123 -2.70 3.72 -4.87
N GLU B 124 -2.09 3.61 -3.69
CA GLU B 124 -2.67 4.21 -2.49
C GLU B 124 -2.62 5.74 -2.60
N ALA B 125 -1.56 6.29 -3.22
CA ALA B 125 -1.50 7.75 -3.37
C ALA B 125 -2.68 8.21 -4.22
N VAL B 126 -3.02 7.42 -5.25
CA VAL B 126 -4.14 7.76 -6.12
C VAL B 126 -5.48 7.60 -5.38
N GLU B 127 -5.65 6.54 -4.58
CA GLU B 127 -6.84 6.36 -3.76
C GLU B 127 -7.05 7.55 -2.83
N ILE B 128 -5.94 8.07 -2.30
CA ILE B 128 -6.03 9.19 -1.37
C ILE B 128 -6.40 10.45 -2.14
N ALA B 129 -5.78 10.63 -3.32
CA ALA B 129 -6.12 11.77 -4.18
C ALA B 129 -7.63 11.71 -4.49
N ILE B 130 -8.15 10.53 -4.88
CA ILE B 130 -9.57 10.37 -5.21
C ILE B 130 -10.42 10.82 -3.99
N LYS B 131 -10.06 10.35 -2.78
CA LYS B 131 -10.88 10.56 -1.60
C LYS B 131 -10.83 12.03 -1.20
N MET B 132 -9.67 12.65 -1.34
CA MET B 132 -9.52 14.07 -1.04
C MET B 132 -10.39 14.90 -2.00
N ALA B 133 -10.37 14.56 -3.29
CA ALA B 133 -11.10 15.30 -4.32
C ALA B 133 -12.59 15.17 -4.07
N TYR B 134 -13.01 13.91 -3.77
CA TYR B 134 -14.42 13.64 -3.54
C TYR B 134 -14.89 14.41 -2.31
N GLN B 135 -14.14 14.25 -1.22
CA GLN B 135 -14.60 14.81 0.04
C GLN B 135 -14.45 16.33 0.05
N TYR B 136 -13.47 16.85 -0.68
CA TYR B 136 -13.34 18.29 -0.83
C TYR B 136 -14.68 18.89 -1.24
N TYR B 137 -15.28 18.36 -2.31
CA TYR B 137 -16.52 18.94 -2.85
C TYR B 137 -17.67 18.75 -1.85
N VAL B 138 -17.73 17.59 -1.20
CA VAL B 138 -18.78 17.42 -0.20
C VAL B 138 -18.68 18.51 0.85
N LEU B 139 -17.46 18.75 1.37
CA LEU B 139 -17.25 19.68 2.46
C LEU B 139 -17.50 21.09 1.96
N ARG B 140 -17.17 21.36 0.71
CA ARG B 140 -17.36 22.71 0.17
C ARG B 140 -18.86 22.99 -0.11
N GLY B 141 -19.72 21.98 0.01
CA GLY B 141 -21.16 22.16 -0.15
C GLY B 141 -21.69 21.79 -1.53
N ASP B 142 -20.81 21.33 -2.44
CA ASP B 142 -21.29 20.81 -3.72
C ASP B 142 -22.04 19.49 -3.57
N LYS B 143 -23.04 19.29 -4.47
CA LYS B 143 -23.92 18.12 -4.44
C LYS B 143 -23.79 17.36 -5.76
N GLY B 144 -23.78 16.01 -5.70
CA GLY B 144 -23.85 15.21 -6.93
C GLY B 144 -22.51 15.07 -7.69
N ARG B 145 -21.38 15.48 -7.11
CA ARG B 145 -20.09 15.30 -7.81
C ARG B 145 -19.50 13.93 -7.48
N THR B 146 -20.01 12.89 -8.14
CA THR B 146 -19.74 11.52 -7.75
C THR B 146 -19.01 10.78 -8.86
N LYS B 147 -18.77 11.46 -9.99
CA LYS B 147 -18.17 10.81 -11.13
C LYS B 147 -16.79 11.42 -11.37
N PHE B 148 -16.05 10.81 -12.31
CA PHE B 148 -14.74 11.32 -12.62
C PHE B 148 -14.57 11.24 -14.14
N ILE B 149 -13.46 11.85 -14.61
CA ILE B 149 -13.16 11.75 -16.03
C ILE B 149 -11.72 11.27 -16.10
N SER B 150 -11.45 10.32 -16.99
CA SER B 150 -10.10 9.87 -17.22
C SER B 150 -10.04 9.42 -18.68
N VAL B 151 -9.10 8.55 -19.03
CA VAL B 151 -8.88 8.09 -20.41
C VAL B 151 -8.81 6.58 -20.48
N LYS B 152 -9.34 6.03 -21.57
CA LYS B 152 -9.14 4.62 -21.89
C LYS B 152 -7.66 4.29 -21.95
N GLU B 153 -7.34 3.12 -21.37
CA GLU B 153 -6.00 2.56 -21.38
C GLU B 153 -5.15 3.24 -20.32
N GLY B 154 -5.70 4.22 -19.56
CA GLY B 154 -4.86 4.82 -18.52
C GLY B 154 -4.70 3.81 -17.37
N TYR B 155 -3.65 3.97 -16.54
CA TYR B 155 -3.44 3.01 -15.46
C TYR B 155 -2.99 3.79 -14.23
N HIS B 156 -3.55 3.46 -13.05
CA HIS B 156 -3.23 4.14 -11.80
C HIS B 156 -3.05 3.14 -10.66
N GLY B 157 -3.09 1.83 -10.97
CA GLY B 157 -2.87 0.84 -9.92
C GLY B 157 -4.02 -0.15 -9.86
N ASP B 158 -3.94 -1.07 -8.87
CA ASP B 158 -4.83 -2.22 -8.95
C ASP B 158 -5.78 -2.36 -7.77
N THR B 159 -5.76 -1.45 -6.75
CA THR B 159 -6.87 -1.46 -5.81
C THR B 159 -8.18 -0.94 -6.43
N VAL B 160 -9.29 -1.02 -5.68
CA VAL B 160 -10.60 -0.78 -6.34
C VAL B 160 -10.75 0.67 -6.81
N GLY B 161 -10.35 1.63 -5.98
CA GLY B 161 -10.42 3.02 -6.42
C GLY B 161 -9.52 3.34 -7.60
N ALA B 162 -8.27 2.90 -7.52
CA ALA B 162 -7.32 3.00 -8.64
C ALA B 162 -7.87 2.33 -9.90
N MET B 163 -8.47 1.14 -9.80
CA MET B 163 -8.96 0.45 -10.99
C MET B 163 -10.13 1.25 -11.58
N SER B 164 -10.99 1.84 -10.74
CA SER B 164 -12.19 2.56 -11.20
C SER B 164 -11.75 3.71 -12.12
N VAL B 165 -10.71 4.40 -11.71
CA VAL B 165 -10.41 5.62 -12.47
C VAL B 165 -9.48 5.31 -13.64
N GLY B 166 -8.85 4.13 -13.57
CA GLY B 166 -8.03 3.59 -14.67
C GLY B 166 -8.92 3.23 -15.84
N GLY B 167 -8.28 3.02 -17.00
CA GLY B 167 -8.98 2.53 -18.16
C GLY B 167 -8.37 1.23 -18.68
N SER B 168 -7.86 0.36 -17.76
CA SER B 168 -7.11 -0.80 -18.24
C SER B 168 -8.02 -2.02 -18.36
N GLU B 169 -8.69 -2.15 -19.51
CA GLU B 169 -9.75 -3.13 -19.62
C GLU B 169 -9.23 -4.55 -19.42
N LEU B 170 -8.05 -4.88 -19.98
CA LEU B 170 -7.56 -6.25 -19.88
C LEU B 170 -7.32 -6.61 -18.43
N PHE B 171 -6.65 -5.71 -17.70
CA PHE B 171 -6.26 -6.00 -16.31
C PHE B 171 -7.44 -6.00 -15.37
N HIS B 172 -8.38 -5.03 -15.56
CA HIS B 172 -9.32 -4.70 -14.48
C HIS B 172 -10.78 -4.91 -14.91
N GLY B 173 -11.01 -5.24 -16.20
CA GLY B 173 -12.36 -5.25 -16.81
C GLY B 173 -13.28 -6.24 -16.08
N VAL B 174 -12.73 -7.38 -15.69
CA VAL B 174 -13.52 -8.35 -14.96
C VAL B 174 -14.13 -7.82 -13.66
N PHE B 175 -13.51 -6.79 -13.06
CA PHE B 175 -13.96 -6.30 -11.75
C PHE B 175 -15.04 -5.23 -11.88
N LYS B 176 -15.60 -5.02 -13.09
CA LYS B 176 -16.49 -3.87 -13.34
C LYS B 176 -17.63 -3.73 -12.31
N PRO B 177 -18.30 -4.81 -11.83
CA PRO B 177 -19.33 -4.67 -10.80
C PRO B 177 -18.85 -4.01 -9.51
N LEU B 178 -17.53 -4.06 -9.25
CA LEU B 178 -17.02 -3.48 -8.00
C LEU B 178 -16.52 -2.04 -8.19
N LEU B 179 -16.48 -1.56 -9.43
CA LEU B 179 -15.88 -0.26 -9.68
C LEU B 179 -16.93 0.84 -9.69
N PHE B 180 -16.53 2.04 -9.22
CA PHE B 180 -17.45 3.15 -9.32
C PHE B 180 -17.25 3.76 -10.72
N LYS B 181 -18.32 4.37 -11.27
CA LYS B 181 -18.35 4.67 -12.69
C LYS B 181 -18.01 6.13 -12.92
N GLY B 182 -17.61 6.42 -14.15
CA GLY B 182 -17.31 7.79 -14.55
C GLY B 182 -17.28 7.81 -16.07
N TYR B 183 -16.45 8.68 -16.64
CA TYR B 183 -16.36 8.81 -18.09
C TYR B 183 -14.92 8.66 -18.57
N HIS B 184 -14.70 8.00 -19.71
CA HIS B 184 -13.35 7.84 -20.19
C HIS B 184 -13.26 8.40 -21.60
N ALA B 185 -12.32 9.32 -21.85
CA ALA B 185 -12.09 9.79 -23.20
C ALA B 185 -11.28 8.72 -23.97
N ASN B 186 -11.23 8.84 -25.29
CA ASN B 186 -10.32 7.96 -26.03
C ASN B 186 -8.88 8.30 -25.68
N PRO B 187 -7.97 7.31 -25.79
CA PRO B 187 -6.56 7.50 -25.48
C PRO B 187 -6.06 8.80 -26.10
N PRO B 188 -5.36 9.64 -25.30
CA PRO B 188 -4.96 10.97 -25.75
C PRO B 188 -4.20 11.02 -27.08
N TYR B 189 -3.51 9.92 -27.43
CA TYR B 189 -2.76 9.88 -28.67
C TYR B 189 -3.71 9.80 -29.88
N GLU B 210 -6.28 21.95 -30.34
CA GLU B 210 -5.26 21.22 -31.14
C GLU B 210 -5.90 19.98 -31.76
N MET B 211 -5.34 18.80 -31.44
CA MET B 211 -5.81 17.54 -31.98
C MET B 211 -7.23 17.23 -31.50
N GLU B 212 -7.88 16.40 -32.30
CA GLU B 212 -9.21 15.85 -32.14
C GLU B 212 -9.36 15.22 -30.77
N CYS B 213 -8.27 14.64 -30.23
CA CYS B 213 -8.37 13.99 -28.94
C CYS B 213 -8.38 15.00 -27.79
N LEU B 214 -7.64 16.13 -27.87
CA LEU B 214 -7.78 17.18 -26.87
C LEU B 214 -9.23 17.70 -26.84
N ASN B 215 -9.73 18.02 -28.03
CA ASN B 215 -11.08 18.56 -28.20
C ASN B 215 -12.12 17.61 -27.59
N GLU B 216 -11.90 16.30 -27.76
CA GLU B 216 -12.82 15.32 -27.22
C GLU B 216 -12.88 15.45 -25.69
N MET B 217 -11.70 15.56 -25.06
CA MET B 217 -11.55 15.62 -23.61
C MET B 217 -12.13 16.92 -23.05
N ILE B 218 -11.85 18.03 -23.76
CA ILE B 218 -12.37 19.31 -23.29
C ILE B 218 -13.90 19.26 -23.29
N SER B 219 -14.47 18.69 -24.39
CA SER B 219 -15.90 18.52 -24.54
C SER B 219 -16.50 17.70 -23.40
N LEU B 220 -15.83 16.61 -23.01
CA LEU B 220 -16.31 15.81 -21.89
C LEU B 220 -16.29 16.61 -20.59
N ILE B 221 -15.19 17.34 -20.32
CA ILE B 221 -15.10 18.19 -19.14
C ILE B 221 -16.24 19.22 -19.10
N GLU B 222 -16.43 19.88 -20.24
CA GLU B 222 -17.47 20.92 -20.34
C GLU B 222 -18.84 20.29 -20.11
N LYS B 223 -19.08 19.10 -20.67
CA LYS B 223 -20.40 18.50 -20.56
C LYS B 223 -20.67 18.01 -19.13
N HIS B 224 -19.68 17.41 -18.45
CA HIS B 224 -19.97 16.71 -17.20
C HIS B 224 -19.41 17.39 -15.93
N ALA B 225 -18.89 18.62 -16.06
CA ALA B 225 -18.21 19.32 -14.96
C ALA B 225 -18.92 19.23 -13.61
N GLU B 226 -20.24 19.42 -13.62
CA GLU B 226 -20.96 19.63 -12.38
C GLU B 226 -21.24 18.29 -11.73
N GLU B 227 -20.94 17.19 -12.43
CA GLU B 227 -21.21 15.88 -11.89
C GLU B 227 -19.88 15.20 -11.50
N VAL B 228 -18.73 15.85 -11.70
CA VAL B 228 -17.44 15.15 -11.56
C VAL B 228 -16.63 15.76 -10.43
N PHE B 229 -15.89 14.89 -9.70
CA PHE B 229 -15.03 15.36 -8.62
C PHE B 229 -13.56 15.41 -9.03
N CYS B 230 -13.21 14.82 -10.19
CA CYS B 230 -11.85 15.02 -10.66
C CYS B 230 -11.73 14.61 -12.13
N VAL B 231 -10.67 15.10 -12.79
CA VAL B 231 -10.11 14.54 -14.01
C VAL B 231 -8.75 13.99 -13.56
N ILE B 232 -8.35 12.79 -14.01
CA ILE B 232 -7.03 12.27 -13.59
C ILE B 232 -6.35 11.74 -14.84
N LEU B 233 -5.06 12.06 -14.99
CA LEU B 233 -4.22 11.61 -16.10
C LEU B 233 -2.89 11.19 -15.51
N GLU B 234 -2.13 10.42 -16.29
CA GLU B 234 -0.73 10.17 -15.98
C GLU B 234 0.15 11.35 -16.43
N GLY B 235 1.43 11.41 -15.99
CA GLY B 235 2.26 12.60 -16.17
C GLY B 235 2.97 12.62 -17.54
N GLY B 236 2.17 12.62 -18.59
CA GLY B 236 2.69 13.00 -19.88
C GLY B 236 3.01 11.76 -20.69
N ILE B 237 2.87 10.58 -20.04
CA ILE B 237 3.07 9.37 -20.82
C ILE B 237 2.26 8.28 -20.13
N MET B 238 1.62 7.45 -20.95
CA MET B 238 0.84 6.34 -20.44
C MET B 238 1.77 5.12 -20.33
N GLY B 239 2.14 4.76 -19.10
CA GLY B 239 3.17 3.71 -18.99
C GLY B 239 2.64 2.33 -19.37
N SER B 240 1.63 1.88 -18.63
CA SER B 240 1.14 0.52 -18.76
C SER B 240 0.44 0.32 -20.11
N ALA B 241 0.00 1.42 -20.74
CA ALA B 241 -0.54 1.30 -22.10
C ALA B 241 0.55 1.05 -23.12
N GLY B 242 1.82 1.15 -22.71
CA GLY B 242 2.95 0.80 -23.59
C GLY B 242 3.83 2.02 -23.88
N MET B 243 4.02 2.89 -22.86
CA MET B 243 4.85 4.06 -22.92
C MET B 243 4.41 4.95 -24.07
N ILE B 244 3.12 5.28 -24.12
CA ILE B 244 2.68 6.19 -25.18
C ILE B 244 2.67 7.62 -24.64
N PRO B 245 3.38 8.58 -25.25
CA PRO B 245 3.33 9.95 -24.78
C PRO B 245 1.94 10.52 -25.07
N TYR B 246 1.51 11.41 -24.18
CA TYR B 246 0.43 12.32 -24.50
C TYR B 246 1.00 13.32 -25.49
N PRO B 247 0.26 13.77 -26.52
CA PRO B 247 0.77 14.81 -27.43
C PRO B 247 1.13 16.08 -26.67
N ASP B 248 2.10 16.84 -27.18
CA ASP B 248 2.46 18.11 -26.53
C ASP B 248 1.21 18.99 -26.52
N GLY B 249 0.97 19.71 -25.41
CA GLY B 249 -0.20 20.61 -25.32
C GLY B 249 -1.44 19.93 -24.70
N TYR B 250 -1.43 18.59 -24.64
CA TYR B 250 -2.60 17.86 -24.22
C TYR B 250 -2.87 18.12 -22.74
N ILE B 251 -1.90 17.84 -21.86
CA ILE B 251 -2.12 18.02 -20.42
C ILE B 251 -2.41 19.50 -20.10
N GLU B 252 -1.65 20.39 -20.75
CA GLU B 252 -1.93 21.81 -20.55
C GLU B 252 -3.37 22.17 -20.97
N GLY B 253 -3.86 21.67 -22.13
CA GLY B 253 -5.25 21.95 -22.50
C GLY B 253 -6.28 21.39 -21.52
N VAL B 254 -5.98 20.17 -21.00
CA VAL B 254 -6.92 19.57 -20.04
C VAL B 254 -6.94 20.39 -18.75
N ALA B 255 -5.74 20.74 -18.24
CA ALA B 255 -5.65 21.53 -17.05
C ALA B 255 -6.42 22.84 -17.23
N LYS B 256 -6.30 23.48 -18.37
CA LYS B 256 -6.97 24.77 -18.47
C LYS B 256 -8.48 24.53 -18.49
N ALA B 257 -8.95 23.47 -19.19
CA ALA B 257 -10.38 23.12 -19.14
C ALA B 257 -10.85 22.81 -17.70
N CYS B 258 -10.01 22.09 -16.92
CA CYS B 258 -10.33 21.85 -15.50
C CYS B 258 -10.47 23.17 -14.72
N LYS B 259 -9.56 24.11 -14.97
CA LYS B 259 -9.63 25.39 -14.28
C LYS B 259 -10.88 26.18 -14.71
N GLU B 260 -11.21 26.17 -16.01
CA GLU B 260 -12.36 26.94 -16.52
C GLU B 260 -13.67 26.36 -15.99
N ASN B 261 -13.64 25.07 -15.58
CA ASN B 261 -14.87 24.39 -15.21
C ASN B 261 -14.93 23.98 -13.75
N ASP B 262 -14.00 24.47 -12.92
CA ASP B 262 -13.99 24.27 -11.49
C ASP B 262 -13.98 22.76 -11.19
N VAL B 263 -13.10 22.04 -11.90
CA VAL B 263 -12.88 20.63 -11.59
C VAL B 263 -11.44 20.44 -11.10
N ILE B 264 -11.25 19.61 -10.05
CA ILE B 264 -9.93 19.22 -9.57
C ILE B 264 -9.23 18.39 -10.65
N PHE B 265 -7.95 18.70 -10.86
CA PHE B 265 -7.13 17.94 -11.80
C PHE B 265 -6.08 17.19 -10.99
N ILE B 266 -6.06 15.84 -11.12
CA ILE B 266 -5.05 15.03 -10.44
C ILE B 266 -4.04 14.54 -11.47
N LEU B 267 -2.78 14.75 -11.25
CA LEU B 267 -1.75 14.20 -12.14
C LEU B 267 -1.02 13.10 -11.37
N ASP B 268 -1.03 11.91 -11.99
CA ASP B 268 -0.34 10.76 -11.46
C ASP B 268 1.09 10.70 -12.02
N GLU B 269 2.08 11.11 -11.22
CA GLU B 269 3.48 11.08 -11.66
C GLU B 269 4.21 9.96 -10.92
N VAL B 270 3.46 8.91 -10.57
CA VAL B 270 4.10 7.81 -9.87
C VAL B 270 5.26 7.25 -10.71
N ALA B 271 5.10 7.15 -12.03
CA ALA B 271 6.17 6.61 -12.87
C ALA B 271 7.01 7.77 -13.41
N THR B 272 6.41 8.93 -13.68
CA THR B 272 7.22 9.93 -14.38
C THR B 272 8.09 10.76 -13.46
N GLY B 273 7.76 10.76 -12.16
CA GLY B 273 8.42 11.68 -11.25
C GLY B 273 9.86 11.26 -11.02
N PHE B 274 10.69 12.26 -10.67
CA PHE B 274 12.07 12.01 -10.28
C PHE B 274 12.95 11.74 -11.50
N GLY B 275 12.70 12.45 -12.61
CA GLY B 275 13.67 12.56 -13.69
C GLY B 275 13.48 11.65 -14.91
N ARG B 276 12.65 10.60 -14.82
CA ARG B 276 12.52 9.61 -15.91
C ARG B 276 12.24 10.24 -17.29
N THR B 277 11.41 11.28 -17.38
CA THR B 277 11.06 11.86 -18.69
C THR B 277 12.08 12.92 -19.15
N GLY B 278 13.06 13.26 -18.31
CA GLY B 278 14.11 14.24 -18.65
C GLY B 278 13.96 15.54 -17.87
N LYS B 279 12.85 15.67 -17.16
CA LYS B 279 12.62 16.78 -16.23
C LYS B 279 12.40 16.16 -14.86
N MET B 280 12.47 16.98 -13.79
CA MET B 280 12.27 16.44 -12.46
C MET B 280 10.85 15.86 -12.32
N PHE B 281 9.84 16.65 -12.77
CA PHE B 281 8.42 16.24 -12.77
C PHE B 281 7.83 16.75 -14.08
N PHE B 282 6.91 15.97 -14.66
CA PHE B 282 6.17 16.47 -15.84
C PHE B 282 5.54 17.83 -15.52
N CYS B 283 5.00 17.98 -14.31
CA CYS B 283 4.34 19.22 -13.94
C CYS B 283 5.29 20.40 -13.71
N ASP B 284 6.62 20.23 -13.89
CA ASP B 284 7.56 21.37 -13.95
C ASP B 284 7.45 22.03 -15.31
N ASN B 285 6.30 22.65 -15.56
CA ASN B 285 5.84 23.01 -16.89
C ASN B 285 5.34 24.42 -16.68
N GLU B 286 5.89 25.37 -17.46
CA GLU B 286 5.53 26.75 -17.17
C GLU B 286 4.03 26.95 -17.31
N GLU B 287 3.40 26.33 -18.30
CA GLU B 287 1.98 26.57 -18.52
C GLU B 287 1.18 25.99 -17.34
N LEU B 288 1.50 24.75 -16.93
CA LEU B 288 0.79 24.21 -15.77
C LEU B 288 1.04 25.06 -14.52
N LYS B 289 2.28 25.52 -14.34
CA LYS B 289 2.56 26.39 -13.18
C LYS B 289 1.68 27.64 -13.20
N LYS B 290 1.52 28.24 -14.40
CA LYS B 290 0.73 29.46 -14.55
C LYS B 290 -0.75 29.20 -14.20
N LEU B 291 -1.25 27.97 -14.46
CA LEU B 291 -2.62 27.60 -14.19
C LEU B 291 -2.79 27.08 -12.76
N GLU B 292 -1.67 26.92 -12.02
CA GLU B 292 -1.68 26.29 -10.70
C GLU B 292 -2.34 24.91 -10.81
N LYS B 293 -1.97 24.15 -11.85
CA LYS B 293 -2.40 22.76 -11.99
C LYS B 293 -1.16 21.87 -12.05
N PRO B 294 -1.22 20.60 -11.58
CA PRO B 294 -2.47 20.00 -11.07
C PRO B 294 -2.79 20.44 -9.64
N ASP B 295 -4.04 20.24 -9.22
CA ASP B 295 -4.44 20.51 -7.84
C ASP B 295 -3.91 19.41 -6.91
N ILE B 296 -3.73 18.22 -7.47
CA ILE B 296 -3.21 17.10 -6.67
C ILE B 296 -2.18 16.38 -7.54
N LEU B 297 -0.99 16.13 -6.97
CA LEU B 297 0.10 15.40 -7.63
C LEU B 297 0.37 14.12 -6.83
N CYS B 298 0.38 12.96 -7.51
CA CYS B 298 0.78 11.71 -6.86
C CYS B 298 2.20 11.32 -7.28
N LEU B 299 3.01 10.86 -6.29
CA LEU B 299 4.40 10.45 -6.49
C LEU B 299 4.62 9.08 -5.86
N GLY B 300 5.63 8.33 -6.37
CA GLY B 300 5.86 6.99 -5.85
C GLY B 300 7.16 6.43 -6.48
N LYS B 301 7.28 5.12 -6.62
CA LYS B 301 8.33 4.43 -7.37
C LYS B 301 9.70 5.03 -7.08
N GLY B 302 10.17 6.01 -7.89
CA GLY B 302 11.55 6.50 -7.78
C GLY B 302 11.82 7.41 -6.58
N LEU B 303 10.75 7.76 -5.86
CA LEU B 303 10.86 8.63 -4.69
C LEU B 303 11.99 8.14 -3.76
N THR B 304 12.13 6.82 -3.49
CA THR B 304 13.17 6.28 -2.62
C THR B 304 14.38 5.79 -3.43
N GLY B 305 14.44 6.19 -4.70
CA GLY B 305 15.52 5.71 -5.59
C GLY B 305 15.30 4.27 -6.01
N GLY B 306 14.17 3.68 -5.60
CA GLY B 306 13.88 2.31 -6.03
C GLY B 306 14.07 1.33 -4.89
N TYR B 307 14.40 1.80 -3.67
CA TYR B 307 14.83 0.83 -2.68
C TYR B 307 13.77 0.43 -1.68
N LEU B 308 12.76 1.31 -1.51
CA LEU B 308 11.68 1.01 -0.56
C LEU B 308 10.35 1.59 -1.03
N PRO B 309 9.21 1.10 -0.52
CA PRO B 309 7.91 1.59 -0.96
C PRO B 309 7.47 2.82 -0.18
N LEU B 310 7.65 3.97 -0.81
CA LEU B 310 7.04 5.19 -0.34
C LEU B 310 6.26 5.84 -1.48
N ALA B 311 5.15 6.46 -1.09
CA ALA B 311 4.46 7.31 -2.04
C ALA B 311 4.00 8.58 -1.31
N ALA B 312 3.56 9.58 -2.06
CA ALA B 312 3.09 10.84 -1.52
C ALA B 312 1.96 11.38 -2.40
N THR B 313 0.98 12.02 -1.74
CA THR B 313 -0.02 12.78 -2.46
C THR B 313 0.16 14.24 -2.05
N LEU B 314 0.51 15.11 -3.00
CA LEU B 314 0.67 16.52 -2.67
C LEU B 314 -0.53 17.32 -3.17
N THR B 315 -1.01 18.29 -2.36
CA THR B 315 -2.17 19.10 -2.70
C THR B 315 -1.90 20.60 -2.43
N THR B 316 -2.84 21.40 -2.89
CA THR B 316 -2.92 22.85 -2.67
C THR B 316 -3.46 23.09 -1.29
N ASP B 317 -3.19 24.28 -0.74
CA ASP B 317 -3.79 24.63 0.54
C ASP B 317 -5.32 24.69 0.40
N GLU B 318 -5.78 25.06 -0.80
CA GLU B 318 -7.25 25.20 -0.99
C GLU B 318 -7.93 23.86 -0.68
N ILE B 319 -7.36 22.76 -1.15
CA ILE B 319 -7.98 21.47 -0.87
C ILE B 319 -7.87 21.12 0.60
N TYR B 320 -6.67 21.25 1.17
CA TYR B 320 -6.38 20.93 2.55
C TYR B 320 -7.33 21.74 3.48
N ASN B 321 -7.57 23.00 3.12
CA ASN B 321 -8.26 23.88 4.07
C ASN B 321 -9.69 23.46 4.32
N GLN B 322 -10.33 22.78 3.34
CA GLN B 322 -11.71 22.35 3.48
C GLN B 322 -11.84 21.36 4.63
N PHE B 323 -10.74 20.65 4.99
CA PHE B 323 -10.78 19.60 6.01
C PHE B 323 -10.46 20.10 7.43
N LEU B 324 -10.28 21.42 7.56
CA LEU B 324 -10.06 22.08 8.85
C LEU B 324 -11.37 22.36 9.60
N GLY B 325 -11.35 22.08 10.91
CA GLY B 325 -12.41 22.52 11.81
C GLY B 325 -12.25 21.90 13.20
N GLU B 326 -13.31 21.99 14.02
CA GLU B 326 -13.22 21.44 15.36
C GLU B 326 -13.33 19.93 15.24
N PHE B 327 -12.70 19.20 16.15
CA PHE B 327 -12.74 17.76 16.09
C PHE B 327 -14.16 17.23 15.88
N GLY B 328 -15.13 17.77 16.64
CA GLY B 328 -16.46 17.16 16.71
C GLY B 328 -17.27 17.46 15.45
N GLU B 329 -16.74 18.31 14.57
CA GLU B 329 -17.36 18.52 13.26
C GLU B 329 -17.04 17.36 12.32
N SER B 330 -16.07 16.50 12.66
CA SER B 330 -15.79 15.31 11.87
C SER B 330 -15.53 15.60 10.38
N LYS B 331 -14.72 16.63 10.10
CA LYS B 331 -14.32 17.05 8.77
C LYS B 331 -12.91 16.54 8.38
N GLN B 332 -12.20 15.88 9.29
CA GLN B 332 -10.83 15.44 8.99
C GLN B 332 -10.91 14.30 7.97
N LEU B 333 -9.81 14.10 7.24
CA LEU B 333 -9.68 12.98 6.33
C LEU B 333 -9.40 11.73 7.15
N TYR B 334 -10.41 10.86 7.23
CA TYR B 334 -10.18 9.69 8.08
C TYR B 334 -9.52 8.61 7.22
N HIS B 335 -8.23 8.84 6.93
CA HIS B 335 -7.48 7.94 6.09
C HIS B 335 -6.07 7.87 6.71
N GLY B 336 -5.44 6.71 6.60
CA GLY B 336 -4.00 6.67 6.88
C GLY B 336 -3.63 5.30 7.43
N HIS B 337 -2.79 4.56 6.72
CA HIS B 337 -2.50 3.25 7.27
C HIS B 337 -1.32 3.33 8.24
N THR B 338 -1.07 2.18 8.88
CA THR B 338 -0.12 2.00 9.96
C THR B 338 1.18 2.74 9.65
N TYR B 339 1.72 2.50 8.46
CA TYR B 339 3.14 2.75 8.27
C TYR B 339 3.27 4.10 7.58
N THR B 340 2.21 4.88 7.64
CA THR B 340 2.29 6.24 7.04
C THR B 340 3.54 6.98 7.58
N GLY B 341 4.36 7.54 6.68
CA GLY B 341 5.52 8.32 7.09
C GLY B 341 6.61 7.53 7.83
N ASN B 342 6.71 6.20 7.57
CA ASN B 342 7.70 5.34 8.22
C ASN B 342 9.12 5.91 8.02
N GLN B 343 9.96 5.91 9.09
CA GLN B 343 11.26 6.57 9.05
C GLN B 343 12.24 5.91 8.06
N LEU B 344 12.28 4.60 7.97
CA LEU B 344 13.17 3.97 6.96
C LEU B 344 12.79 4.39 5.55
N LEU B 345 11.46 4.42 5.25
CA LEU B 345 11.03 4.81 3.92
C LEU B 345 11.51 6.24 3.68
N CYS B 346 11.30 7.11 4.67
CA CYS B 346 11.57 8.50 4.39
C CYS B 346 13.08 8.74 4.35
N SER B 347 13.84 7.97 5.12
CA SER B 347 15.30 8.12 5.03
C SER B 347 15.80 7.80 3.62
N ALA B 348 15.27 6.76 2.92
CA ALA B 348 15.73 6.45 1.57
C ALA B 348 15.40 7.64 0.65
N ALA B 349 14.19 8.23 0.82
CA ALA B 349 13.83 9.35 -0.06
C ALA B 349 14.69 10.58 0.18
N LEU B 350 14.99 10.87 1.44
CA LEU B 350 15.87 11.98 1.77
C LEU B 350 17.21 11.81 1.04
N ALA B 351 17.77 10.61 1.12
CA ALA B 351 19.06 10.35 0.45
C ALA B 351 18.93 10.53 -1.07
N THR B 352 17.80 10.06 -1.61
CA THR B 352 17.55 10.19 -3.04
C THR B 352 17.59 11.68 -3.43
N LEU B 353 16.81 12.51 -2.73
CA LEU B 353 16.69 13.91 -3.13
C LEU B 353 18.04 14.60 -2.99
N GLU B 354 18.79 14.20 -1.97
CA GLU B 354 20.14 14.75 -1.74
C GLU B 354 21.06 14.44 -2.94
N ILE B 355 20.98 13.20 -3.48
CA ILE B 355 21.68 12.86 -4.72
C ILE B 355 21.26 13.80 -5.84
N PHE B 356 19.94 14.07 -5.99
CA PHE B 356 19.48 14.91 -7.09
C PHE B 356 20.22 16.22 -7.11
N GLU B 357 20.27 16.85 -5.92
CA GLU B 357 20.84 18.17 -5.74
C GLU B 357 22.37 18.15 -5.89
N LYS B 358 23.04 17.24 -5.15
CA LYS B 358 24.50 17.20 -5.06
C LYS B 358 25.16 16.73 -6.37
N GLU B 359 24.46 15.97 -7.23
CA GLU B 359 25.09 15.48 -8.44
C GLU B 359 24.52 16.15 -9.70
N ASN B 360 23.64 17.13 -9.54
CA ASN B 360 23.04 17.78 -10.71
C ASN B 360 22.50 16.75 -11.72
N VAL B 361 21.70 15.80 -11.22
CA VAL B 361 21.24 14.67 -12.00
C VAL B 361 20.50 15.13 -13.26
N ILE B 362 19.55 16.09 -13.16
CA ILE B 362 18.74 16.47 -14.31
C ILE B 362 19.61 16.99 -15.45
N GLU B 363 20.60 17.83 -15.16
CA GLU B 363 21.51 18.30 -16.22
C GLU B 363 22.33 17.12 -16.75
N ASN B 364 22.74 16.18 -15.87
CA ASN B 364 23.73 15.18 -16.26
C ASN B 364 23.09 14.09 -17.12
N ILE B 365 21.77 13.89 -17.02
CA ILE B 365 21.16 12.86 -17.86
C ILE B 365 20.86 13.38 -19.27
N GLN B 366 21.01 14.70 -19.51
CA GLN B 366 20.58 15.20 -20.81
C GLN B 366 21.40 14.56 -21.94
N PRO B 367 22.75 14.54 -21.96
CA PRO B 367 23.44 13.89 -23.09
C PRO B 367 23.09 12.40 -23.21
N LYS B 368 22.75 11.77 -22.07
CA LYS B 368 22.44 10.33 -22.10
C LYS B 368 21.09 10.07 -22.79
N ILE B 369 20.11 10.88 -22.50
CA ILE B 369 18.83 10.79 -23.18
C ILE B 369 19.01 11.03 -24.68
N LYS B 370 19.74 12.11 -25.04
CA LYS B 370 19.99 12.41 -26.43
C LYS B 370 20.65 11.23 -27.15
N LEU B 371 21.62 10.60 -26.51
CA LEU B 371 22.28 9.42 -27.07
C LEU B 371 21.31 8.25 -27.22
N PHE B 372 20.48 8.03 -26.19
CA PHE B 372 19.50 6.95 -26.22
C PHE B 372 18.55 7.09 -27.40
N HIS B 373 18.04 8.32 -27.63
CA HIS B 373 17.07 8.49 -28.70
C HIS B 373 17.75 8.29 -30.06
N LYS B 374 19.02 8.70 -30.17
CA LYS B 374 19.79 8.58 -31.40
C LYS B 374 20.06 7.11 -31.73
N GLU B 375 20.39 6.33 -30.70
CA GLU B 375 20.65 4.90 -30.81
C GLU B 375 19.43 4.04 -31.06
N LEU B 376 18.22 4.50 -30.70
CA LEU B 376 16.95 3.82 -30.98
C LEU B 376 16.48 3.99 -32.44
N ARG B 377 16.98 5.02 -33.14
CA ARG B 377 16.36 5.28 -34.44
C ARG B 377 16.48 4.11 -35.42
N LYS B 378 17.61 3.38 -35.42
CA LYS B 378 17.79 2.25 -36.32
C LYS B 378 16.74 1.14 -36.09
N LEU B 379 16.04 1.14 -34.95
CA LEU B 379 15.09 0.04 -34.73
C LEU B 379 13.88 0.22 -35.66
N LYS B 380 13.65 1.48 -36.07
CA LYS B 380 12.52 1.85 -36.89
C LYS B 380 12.59 1.12 -38.23
N GLU B 381 13.80 0.76 -38.70
CA GLU B 381 13.94 0.12 -40.00
C GLU B 381 13.69 -1.40 -39.96
N LEU B 382 13.56 -2.01 -38.80
CA LEU B 382 13.35 -3.45 -38.73
C LEU B 382 11.94 -3.81 -39.19
N GLU B 383 11.81 -5.02 -39.75
CA GLU B 383 10.55 -5.46 -40.35
C GLU B 383 9.43 -5.57 -39.32
N HIS B 384 9.74 -5.90 -38.06
CA HIS B 384 8.64 -6.14 -37.14
C HIS B 384 8.46 -5.01 -36.13
N VAL B 385 9.11 -3.86 -36.35
CA VAL B 385 8.96 -2.72 -35.45
C VAL B 385 7.94 -1.77 -36.07
N GLY B 386 6.77 -1.65 -35.39
CA GLY B 386 5.68 -0.77 -35.79
C GLY B 386 5.88 0.68 -35.39
N ASP B 387 6.47 0.93 -34.21
CA ASP B 387 6.52 2.27 -33.63
C ASP B 387 7.62 2.26 -32.56
N VAL B 388 8.38 3.35 -32.52
CA VAL B 388 9.31 3.66 -31.44
C VAL B 388 8.88 5.00 -30.83
N ARG B 389 8.58 4.98 -29.52
CA ARG B 389 7.98 6.20 -28.97
C ARG B 389 8.29 6.31 -27.49
N GLY B 390 8.18 7.54 -26.97
CA GLY B 390 8.27 7.71 -25.53
C GLY B 390 8.79 9.09 -25.15
N ARG B 391 9.28 9.26 -23.90
CA ARG B 391 9.75 10.55 -23.45
C ARG B 391 10.94 10.30 -22.51
N GLY B 392 12.08 10.92 -22.81
CA GLY B 392 13.29 10.70 -21.99
C GLY B 392 13.69 9.21 -21.95
N PHE B 393 13.81 8.68 -20.72
CA PHE B 393 14.13 7.28 -20.48
C PHE B 393 12.89 6.39 -20.32
N MET B 394 11.74 6.80 -20.86
CA MET B 394 10.59 5.91 -20.85
C MET B 394 10.20 5.70 -22.31
N VAL B 395 10.48 4.49 -22.80
CA VAL B 395 10.40 4.21 -24.24
C VAL B 395 9.64 2.92 -24.46
N GLY B 396 8.75 2.90 -25.46
CA GLY B 396 8.21 1.61 -25.90
C GLY B 396 8.59 1.34 -27.36
N ILE B 397 8.81 0.05 -27.66
CA ILE B 397 9.00 -0.39 -29.04
C ILE B 397 7.93 -1.40 -29.38
N GLU B 398 6.96 -0.95 -30.21
CA GLU B 398 5.77 -1.74 -30.51
C GLU B 398 6.02 -2.74 -31.64
N LEU B 399 5.86 -4.04 -31.36
CA LEU B 399 6.09 -5.05 -32.37
C LEU B 399 4.81 -5.28 -33.18
N VAL B 400 4.92 -5.48 -34.52
CA VAL B 400 3.75 -5.72 -35.35
C VAL B 400 4.07 -6.83 -36.33
N LYS B 401 3.01 -7.57 -36.69
CA LYS B 401 3.03 -8.69 -37.60
C LYS B 401 3.24 -8.16 -39.01
N ASP B 402 2.60 -7.01 -39.30
CA ASP B 402 2.71 -6.37 -40.60
C ASP B 402 2.94 -4.88 -40.45
N LYS B 403 4.08 -4.42 -40.94
CA LYS B 403 4.47 -3.02 -40.84
C LYS B 403 3.44 -2.09 -41.50
N GLU B 404 2.84 -2.49 -42.61
CA GLU B 404 2.03 -1.56 -43.39
C GLU B 404 0.57 -1.66 -42.98
N THR B 405 0.15 -2.83 -42.50
CA THR B 405 -1.17 -2.97 -41.91
C THR B 405 -1.20 -2.45 -40.47
N LYS B 406 -0.08 -2.59 -39.75
CA LYS B 406 0.03 -2.30 -38.33
C LYS B 406 -0.63 -3.40 -37.48
N GLU B 407 -0.95 -4.55 -38.11
CA GLU B 407 -1.68 -5.61 -37.46
C GLU B 407 -0.89 -6.20 -36.28
N PRO B 408 -1.50 -6.33 -35.08
CA PRO B 408 -0.81 -6.93 -33.92
C PRO B 408 -0.60 -8.44 -33.93
N TYR B 409 0.38 -8.90 -33.15
CA TYR B 409 0.46 -10.29 -32.77
C TYR B 409 -0.65 -10.54 -31.77
N PRO B 410 -1.29 -11.73 -31.84
CA PRO B 410 -2.29 -12.10 -30.84
C PRO B 410 -1.68 -12.06 -29.45
N TYR B 411 -2.53 -11.79 -28.45
CA TYR B 411 -2.00 -11.69 -27.11
C TYR B 411 -1.23 -12.97 -26.76
N GLY B 412 -1.75 -14.13 -27.14
CA GLY B 412 -1.22 -15.40 -26.68
C GLY B 412 0.14 -15.72 -27.29
N TYR B 413 0.55 -14.90 -28.27
CA TYR B 413 1.78 -15.13 -28.99
C TYR B 413 2.98 -14.63 -28.18
N LYS B 414 2.75 -13.70 -27.23
CA LYS B 414 3.81 -13.22 -26.36
C LYS B 414 5.00 -12.70 -27.15
N ALA B 415 4.75 -11.88 -28.18
CA ALA B 415 5.83 -11.39 -29.04
C ALA B 415 6.88 -10.63 -28.23
N GLY B 416 6.47 -9.72 -27.35
CA GLY B 416 7.49 -9.06 -26.52
C GLY B 416 8.35 -9.99 -25.66
N TYR B 417 7.75 -11.02 -25.05
CA TYR B 417 8.50 -12.01 -24.28
C TYR B 417 9.48 -12.78 -25.20
N ARG B 418 9.14 -12.98 -26.47
CA ARG B 418 10.11 -13.64 -27.38
C ARG B 418 11.36 -12.77 -27.47
N VAL B 419 11.16 -11.48 -27.57
CA VAL B 419 12.27 -10.55 -27.59
C VAL B 419 13.02 -10.56 -26.25
N ALA B 420 12.27 -10.58 -25.15
CA ALA B 420 12.89 -10.57 -23.81
C ALA B 420 13.82 -11.77 -23.64
N GLU B 421 13.43 -12.95 -24.18
CA GLU B 421 14.21 -14.18 -24.05
C GLU B 421 15.60 -13.99 -24.69
N LYS B 422 15.61 -13.42 -25.91
CA LYS B 422 16.87 -13.10 -26.60
C LYS B 422 17.69 -12.07 -25.85
N LEU B 423 17.03 -11.03 -25.28
CA LEU B 423 17.77 -10.03 -24.54
C LEU B 423 18.41 -10.68 -23.31
N LEU B 424 17.72 -11.63 -22.67
CA LEU B 424 18.26 -12.24 -21.47
C LEU B 424 19.58 -12.96 -21.79
N GLU B 425 19.62 -13.63 -22.95
CA GLU B 425 20.86 -14.30 -23.37
C GLU B 425 21.98 -13.29 -23.60
N LYS B 426 21.65 -12.03 -23.93
CA LYS B 426 22.69 -11.02 -24.08
C LYS B 426 22.93 -10.25 -22.77
N GLY B 427 22.47 -10.76 -21.60
CA GLY B 427 22.76 -10.11 -20.33
C GLY B 427 21.91 -8.88 -20.05
N ILE B 428 20.67 -8.83 -20.57
CA ILE B 428 19.75 -7.71 -20.32
C ILE B 428 18.39 -8.23 -19.86
N TYR B 429 17.88 -7.61 -18.78
CA TYR B 429 16.56 -7.91 -18.23
C TYR B 429 15.60 -6.85 -18.77
N MET B 430 14.60 -7.29 -19.55
CA MET B 430 13.57 -6.40 -20.03
C MET B 430 12.24 -7.10 -19.80
N ARG B 431 11.26 -6.38 -19.21
CA ARG B 431 9.89 -6.92 -19.11
C ARG B 431 9.00 -6.15 -20.11
N PRO B 432 8.33 -6.84 -21.06
CA PRO B 432 7.46 -6.16 -22.02
C PRO B 432 6.05 -6.02 -21.47
N ILE B 433 5.22 -5.28 -22.21
CA ILE B 433 3.79 -5.38 -21.99
C ILE B 433 3.17 -5.72 -23.33
N GLY B 434 2.58 -6.94 -23.40
CA GLY B 434 2.05 -7.47 -24.67
C GLY B 434 3.09 -7.34 -25.79
N ASN B 435 2.70 -6.63 -26.85
CA ASN B 435 3.54 -6.47 -28.03
C ASN B 435 4.56 -5.35 -27.88
N VAL B 436 4.61 -4.68 -26.71
CA VAL B 436 5.46 -3.51 -26.60
C VAL B 436 6.69 -3.87 -25.75
N ILE B 437 7.86 -3.71 -26.37
CA ILE B 437 9.12 -3.83 -25.64
C ILE B 437 9.20 -2.58 -24.78
N ILE B 438 9.52 -2.75 -23.48
CA ILE B 438 9.57 -1.59 -22.59
C ILE B 438 11.02 -1.37 -22.19
N LEU B 439 11.50 -0.11 -22.32
CA LEU B 439 12.80 0.30 -21.81
C LEU B 439 12.58 1.48 -20.86
N VAL B 440 12.87 1.25 -19.58
CA VAL B 440 12.88 2.32 -18.58
C VAL B 440 14.19 2.17 -17.82
N PRO B 441 15.34 2.59 -18.41
CA PRO B 441 16.65 2.29 -17.81
C PRO B 441 16.90 3.24 -16.63
N PRO B 442 17.78 2.88 -15.67
CA PRO B 442 18.06 3.75 -14.54
C PRO B 442 18.68 5.04 -15.05
N LEU B 443 18.53 6.14 -14.29
CA LEU B 443 19.20 7.39 -14.64
C LEU B 443 20.72 7.22 -14.67
N SER B 444 21.20 6.19 -13.94
CA SER B 444 22.63 5.87 -13.84
C SER B 444 23.20 5.08 -15.02
N ILE B 445 22.37 4.76 -16.02
CA ILE B 445 22.78 3.97 -17.18
C ILE B 445 23.94 4.71 -17.85
N THR B 446 25.01 3.98 -18.20
CA THR B 446 26.13 4.65 -18.86
C THR B 446 25.89 4.78 -20.36
N GLU B 447 26.68 5.68 -20.97
CA GLU B 447 26.58 5.80 -22.40
C GLU B 447 26.93 4.46 -23.05
N LYS B 448 27.97 3.79 -22.55
CA LYS B 448 28.32 2.51 -23.16
C LYS B 448 27.17 1.50 -23.02
N GLU B 449 26.46 1.57 -21.87
CA GLU B 449 25.37 0.62 -21.64
C GLU B 449 24.21 0.94 -22.55
N ILE B 450 24.01 2.23 -22.82
CA ILE B 450 22.94 2.63 -23.72
C ILE B 450 23.21 2.05 -25.11
N ILE B 451 24.46 2.17 -25.60
CA ILE B 451 24.80 1.77 -26.95
C ILE B 451 24.65 0.25 -27.04
N TYR B 452 25.16 -0.43 -26.01
CA TYR B 452 25.02 -1.89 -25.96
C TYR B 452 23.54 -2.28 -25.97
N LEU B 453 22.72 -1.65 -25.13
CA LEU B 453 21.30 -1.96 -25.00
C LEU B 453 20.58 -1.90 -26.34
N CYS B 454 20.77 -0.81 -27.10
CA CYS B 454 20.07 -0.62 -28.33
C CYS B 454 20.61 -1.54 -29.45
N ASP B 455 21.92 -1.81 -29.46
CA ASP B 455 22.50 -2.78 -30.40
C ASP B 455 21.99 -4.18 -30.07
N ALA B 456 21.92 -4.53 -28.77
CA ALA B 456 21.36 -5.83 -28.42
C ALA B 456 19.87 -5.95 -28.79
N LEU B 457 19.12 -4.84 -28.64
CA LEU B 457 17.70 -4.92 -28.96
C LEU B 457 17.51 -5.13 -30.46
N TYR B 458 18.34 -4.45 -31.25
CA TYR B 458 18.34 -4.59 -32.70
C TYR B 458 18.51 -6.07 -33.09
N GLU B 459 19.53 -6.72 -32.55
CA GLU B 459 19.80 -8.13 -32.82
C GLU B 459 18.69 -9.01 -32.25
N ALA B 460 18.21 -8.66 -31.03
CA ALA B 460 17.22 -9.52 -30.38
C ALA B 460 15.93 -9.59 -31.21
N ILE B 461 15.52 -8.43 -31.75
CA ILE B 461 14.30 -8.32 -32.50
C ILE B 461 14.48 -9.17 -33.79
N LYS B 462 15.68 -9.15 -34.37
CA LYS B 462 15.96 -9.94 -35.56
C LYS B 462 16.00 -11.44 -35.29
N GLU B 463 16.48 -11.83 -34.11
CA GLU B 463 16.62 -13.23 -33.76
C GLU B 463 15.32 -13.83 -33.25
N ALA B 464 14.41 -12.99 -32.74
CA ALA B 464 13.17 -13.51 -32.17
C ALA B 464 12.30 -14.08 -33.29
N ASP B 465 11.42 -15.03 -32.93
CA ASP B 465 10.50 -15.65 -33.88
C ASP B 465 9.30 -14.75 -34.15
N LEU B 466 9.47 -13.78 -35.05
CA LEU B 466 8.45 -12.78 -35.27
C LEU B 466 7.96 -12.87 -36.71
#